data_5LNL
#
_entry.id   5LNL
#
_cell.length_a   128.438
_cell.length_b   50.400
_cell.length_c   256.796
_cell.angle_alpha   90.00
_cell.angle_beta   101.94
_cell.angle_gamma   90.00
#
_symmetry.space_group_name_H-M   'C 1 2 1'
#
_entity_poly.entity_id   1
_entity_poly.type   'polypeptide(L)'
_entity_poly.pdbx_seq_one_letter_code
;MDFVSGDKDTTSVTVESKDNGKRTEVKIGAKTSVIKDHNGKLFTGKELKDANNNGVTVTETDGKDEGNGLVTAKAVIDAV
NKAGWRVKTTGANGQNDDFATVASGTNVTFADGNGTTAEVTKANDGSITVKYNVKVADGLKLDLEHHHHHH
;
_entity_poly.pdbx_strand_id   A,B,C,D,E,F,G,H,I
#
# COMPACT_ATOMS: atom_id res chain seq x y z
N MET A 1 -11.43 -10.13 -4.45
CA MET A 1 -10.85 -11.18 -3.63
C MET A 1 -11.38 -11.10 -2.21
N ASP A 2 -12.24 -12.06 -1.85
CA ASP A 2 -12.82 -12.09 -0.50
C ASP A 2 -12.41 -13.31 0.31
N PHE A 3 -12.24 -13.09 1.62
CA PHE A 3 -11.92 -14.17 2.55
C PHE A 3 -12.98 -14.23 3.65
N VAL A 4 -13.97 -15.11 3.46
CA VAL A 4 -15.06 -15.24 4.42
C VAL A 4 -15.06 -16.62 5.07
N SER A 5 -15.63 -16.70 6.26
CA SER A 5 -15.68 -17.95 7.00
C SER A 5 -17.04 -18.62 6.85
N GLY A 6 -17.07 -19.94 7.00
CA GLY A 6 -18.31 -20.69 6.89
C GLY A 6 -19.26 -20.37 8.03
N ASP A 7 -18.78 -20.59 9.25
CA ASP A 7 -19.56 -20.24 10.44
C ASP A 7 -18.79 -19.23 11.28
N LYS A 8 -19.47 -18.15 11.65
CA LYS A 8 -18.83 -17.06 12.38
C LYS A 8 -18.46 -17.45 13.81
N ASP A 9 -19.12 -18.48 14.33
CA ASP A 9 -18.90 -18.92 15.71
C ASP A 9 -17.75 -19.92 15.79
N THR A 10 -17.62 -20.76 14.77
CA THR A 10 -16.57 -21.78 14.76
C THR A 10 -15.28 -21.23 14.16
N THR A 11 -15.41 -20.44 13.11
CA THR A 11 -14.25 -19.89 12.40
C THR A 11 -14.35 -18.38 12.28
N SER A 12 -13.24 -17.69 12.52
CA SER A 12 -13.18 -16.24 12.43
C SER A 12 -12.05 -15.79 11.51
N VAL A 13 -12.43 -15.10 10.42
CA VAL A 13 -11.46 -14.60 9.47
C VAL A 13 -11.55 -13.08 9.38
N THR A 14 -10.46 -12.40 9.68
CA THR A 14 -10.44 -10.93 9.66
C THR A 14 -9.32 -10.39 8.79
N VAL A 15 -9.67 -9.47 7.89
CA VAL A 15 -8.67 -8.83 7.03
C VAL A 15 -8.42 -7.41 7.50
N GLU A 16 -7.18 -7.11 7.87
CA GLU A 16 -6.83 -5.78 8.35
C GLU A 16 -5.66 -5.21 7.57
N SER A 17 -5.40 -3.92 7.76
CA SER A 17 -4.29 -3.27 7.06
C SER A 17 -3.42 -2.46 8.02
N ASP A 19 -0.38 -0.81 9.58
CA ASP A 19 -1.27 0.18 10.17
C ASP A 19 -1.55 1.30 9.18
N ASN A 20 -0.54 1.67 8.41
CA ASN A 20 -0.68 2.75 7.45
C ASN A 20 -1.10 2.26 6.06
N GLY A 21 -0.16 2.25 5.12
CA GLY A 21 -0.46 1.79 3.78
C GLY A 21 0.36 0.62 3.25
N LYS A 22 -0.32 -0.27 2.54
CA LYS A 22 0.26 -1.33 1.69
C LYS A 22 0.43 -2.67 2.40
N ARG A 23 0.30 -2.68 3.73
CA ARG A 23 0.45 -3.92 4.46
C ARG A 23 -0.90 -4.47 4.93
N THR A 24 -1.41 -5.44 4.19
CA THR A 24 -2.69 -6.05 4.53
C THR A 24 -2.52 -7.47 5.10
N GLU A 25 -2.68 -7.59 6.41
CA GLU A 25 -2.54 -8.87 7.07
C GLU A 25 -3.91 -9.55 7.23
N VAL A 26 -3.96 -10.85 6.98
CA VAL A 26 -5.19 -11.62 7.15
C VAL A 26 -5.06 -12.59 8.31
N LYS A 27 -5.73 -12.28 9.42
CA LYS A 27 -5.70 -13.12 10.60
C LYS A 27 -6.87 -14.10 10.63
N ILE A 28 -6.55 -15.39 10.63
CA ILE A 28 -7.58 -16.42 10.69
C ILE A 28 -7.43 -17.24 11.97
N GLY A 29 -8.41 -17.11 12.86
CA GLY A 29 -8.39 -17.81 14.13
C GLY A 29 -9.67 -18.56 14.36
N ALA A 30 -9.68 -19.47 15.33
CA ALA A 30 -10.87 -20.23 15.64
C ALA A 30 -11.49 -19.78 16.95
N LYS A 31 -12.70 -19.23 16.87
CA LYS A 31 -13.42 -18.77 18.04
C LYS A 31 -13.89 -19.96 18.88
N THR A 32 -13.39 -20.03 20.11
CA THR A 32 -13.72 -21.15 20.98
C THR A 32 -14.65 -20.73 22.11
N SER A 33 -15.52 -21.64 22.53
CA SER A 33 -16.45 -21.39 23.61
C SER A 33 -16.02 -22.15 24.86
N VAL A 34 -16.36 -21.61 26.02
CA VAL A 34 -16.00 -22.23 27.29
C VAL A 34 -17.14 -23.09 27.80
N ILE A 35 -16.80 -24.24 28.37
CA ILE A 35 -17.79 -25.14 28.94
C ILE A 35 -17.79 -25.01 30.46
N LYS A 36 -18.97 -24.72 31.02
CA LYS A 36 -19.09 -24.57 32.46
C LYS A 36 -19.80 -25.78 33.07
N ASP A 37 -19.90 -25.79 34.39
CA ASP A 37 -20.58 -26.87 35.09
C ASP A 37 -21.05 -26.43 36.47
N HIS A 38 -22.11 -27.06 36.95
CA HIS A 38 -22.65 -26.78 38.27
C HIS A 38 -23.38 -28.01 38.78
N ASN A 39 -23.11 -28.39 40.02
CA ASN A 39 -23.71 -29.56 40.65
C ASN A 39 -23.54 -30.82 39.82
N GLY A 40 -22.39 -30.94 39.16
CA GLY A 40 -22.08 -32.11 38.35
C GLY A 40 -22.73 -32.12 36.97
N LYS A 41 -23.49 -31.07 36.67
CA LYS A 41 -24.15 -30.97 35.37
C LYS A 41 -23.54 -29.86 34.52
N LEU A 42 -23.20 -30.19 33.27
CA LEU A 42 -22.55 -29.23 32.38
C LEU A 42 -23.53 -28.17 31.88
N PHE A 43 -23.10 -26.91 31.95
CA PHE A 43 -23.90 -25.80 31.47
C PHE A 43 -23.08 -24.89 30.56
N THR A 44 -23.76 -24.19 29.66
CA THR A 44 -23.12 -23.19 28.82
C THR A 44 -22.91 -21.91 29.63
N GLY A 45 -22.30 -20.91 29.01
CA GLY A 45 -22.07 -19.64 29.66
C GLY A 45 -23.37 -18.89 29.94
N LYS A 46 -24.18 -18.72 28.90
CA LYS A 46 -25.44 -17.99 29.00
C LYS A 46 -26.39 -18.66 29.99
N GLU A 47 -26.48 -19.98 29.92
CA GLU A 47 -27.36 -20.73 30.81
C GLU A 47 -26.95 -20.54 32.27
N LEU A 48 -25.68 -20.73 32.56
CA LEU A 48 -25.18 -20.59 33.93
C LEU A 48 -25.33 -19.17 34.44
N LYS A 49 -25.09 -18.19 33.57
CA LYS A 49 -25.15 -16.78 33.97
C LYS A 49 -26.58 -16.30 34.20
N ASP A 50 -27.52 -16.74 33.36
CA ASP A 50 -28.89 -16.24 33.44
C ASP A 50 -29.78 -17.06 34.40
N ALA A 51 -29.58 -18.37 34.42
CA ALA A 51 -30.43 -19.26 35.21
C ALA A 51 -29.95 -19.39 36.65
N ASN A 52 -28.64 -19.41 36.85
CA ASN A 52 -28.09 -19.60 38.19
C ASN A 52 -27.51 -18.33 38.77
N ASN A 53 -27.81 -18.09 40.04
CA ASN A 53 -27.40 -16.88 40.73
C ASN A 53 -26.51 -17.19 41.94
N ASN A 54 -26.75 -18.33 42.58
CA ASN A 54 -26.11 -18.66 43.85
C ASN A 54 -24.68 -19.18 43.72
N GLY A 55 -23.79 -18.58 44.50
CA GLY A 55 -22.41 -19.04 44.64
C GLY A 55 -21.52 -19.05 43.41
N VAL A 56 -22.03 -18.53 42.28
CA VAL A 56 -21.27 -18.59 41.03
C VAL A 56 -20.98 -17.20 40.46
N THR A 57 -19.74 -17.00 40.01
CA THR A 57 -19.33 -15.75 39.39
C THR A 57 -18.89 -15.97 37.94
N VAL A 58 -19.76 -15.58 37.00
CA VAL A 58 -19.47 -15.73 35.58
C VAL A 58 -19.21 -14.39 34.92
N THR A 59 -18.14 -14.31 34.13
CA THR A 59 -17.78 -13.07 33.45
C THR A 59 -18.77 -12.71 32.36
N GLU A 60 -18.72 -11.45 31.91
CA GLU A 60 -19.63 -10.95 30.89
C GLU A 60 -19.38 -11.56 29.51
N THR A 61 -18.12 -11.82 29.19
CA THR A 61 -17.77 -12.41 27.91
C THR A 61 -18.28 -13.85 27.87
N ASP A 62 -18.19 -14.53 29.01
CA ASP A 62 -18.70 -15.88 29.14
C ASP A 62 -20.20 -15.85 29.37
N GLY A 63 -20.71 -14.73 29.85
CA GLY A 63 -22.13 -14.57 30.10
C GLY A 63 -22.93 -14.56 28.81
N LYS A 64 -22.32 -14.07 27.74
CA LYS A 64 -22.97 -14.03 26.44
C LYS A 64 -22.67 -15.30 25.64
N ASP A 65 -21.77 -16.12 26.17
CA ASP A 65 -21.37 -17.36 25.50
C ASP A 65 -22.50 -18.37 25.50
N GLU A 66 -22.93 -18.75 24.30
CA GLU A 66 -24.01 -19.72 24.14
C GLU A 66 -23.46 -21.08 23.73
N GLY A 67 -22.13 -21.21 23.72
CA GLY A 67 -21.50 -22.47 23.41
C GLY A 67 -21.64 -22.90 21.96
N ASN A 68 -21.53 -21.93 21.05
CA ASN A 68 -21.65 -22.21 19.62
C ASN A 68 -20.30 -22.37 18.95
N GLY A 69 -19.24 -22.00 19.66
CA GLY A 69 -17.89 -22.12 19.13
C GLY A 69 -17.28 -23.48 19.37
N LEU A 70 -16.06 -23.68 18.88
CA LEU A 70 -15.35 -24.95 19.04
C LEU A 70 -14.79 -25.07 20.45
N VAL A 71 -14.19 -26.22 20.75
CA VAL A 71 -13.60 -26.46 22.06
C VAL A 71 -12.23 -27.11 21.99
N THR A 72 -11.38 -26.77 22.96
CA THR A 72 -10.05 -27.34 23.05
C THR A 72 -10.08 -28.62 23.88
N ALA A 73 -8.94 -29.30 23.95
CA ALA A 73 -8.84 -30.54 24.72
C ALA A 73 -8.98 -30.25 26.21
N LYS A 74 -8.31 -29.21 26.67
CA LYS A 74 -8.32 -28.83 28.08
C LYS A 74 -9.72 -28.50 28.58
N ALA A 75 -10.51 -27.82 27.75
CA ALA A 75 -11.87 -27.45 28.12
C ALA A 75 -12.74 -28.68 28.34
N VAL A 76 -12.71 -29.60 27.38
CA VAL A 76 -13.48 -30.84 27.47
C VAL A 76 -13.04 -31.69 28.65
N ILE A 77 -11.73 -31.89 28.78
CA ILE A 77 -11.17 -32.67 29.88
C ILE A 77 -11.56 -32.12 31.24
N ASP A 78 -11.37 -30.82 31.44
CA ASP A 78 -11.71 -30.17 32.70
C ASP A 78 -13.22 -30.23 32.95
N ALA A 79 -14.00 -30.15 31.88
CA ALA A 79 -15.46 -30.19 31.99
C ALA A 79 -15.97 -31.55 32.46
N VAL A 80 -15.47 -32.61 31.83
CA VAL A 80 -15.89 -33.97 32.16
C VAL A 80 -15.43 -34.41 33.55
N ASN A 81 -14.19 -34.10 33.89
CA ASN A 81 -13.62 -34.50 35.18
C ASN A 81 -14.24 -33.78 36.36
N LYS A 82 -15.00 -32.73 36.09
CA LYS A 82 -15.74 -32.02 37.14
C LYS A 82 -17.23 -32.30 37.03
N ALA A 83 -17.59 -33.26 36.20
CA ALA A 83 -18.99 -33.61 35.99
C ALA A 83 -19.27 -35.04 36.45
N GLY A 84 -20.48 -35.30 36.91
CA GLY A 84 -20.85 -36.62 37.38
C GLY A 84 -22.21 -36.67 38.04
N TRP A 85 -22.41 -37.68 38.88
CA TRP A 85 -23.71 -37.90 39.52
C TRP A 85 -23.67 -37.64 41.01
N ARG A 86 -24.75 -37.09 41.55
CA ARG A 86 -24.81 -36.68 42.95
C ARG A 86 -25.42 -37.76 43.85
N VAL A 87 -24.85 -37.89 45.05
CA VAL A 87 -25.32 -38.88 46.02
C VAL A 87 -25.76 -38.18 47.31
N LYS A 88 -26.82 -38.69 47.93
CA LYS A 88 -27.29 -38.11 49.19
C LYS A 88 -26.33 -38.45 50.33
N THR A 89 -25.67 -37.43 50.86
CA THR A 89 -24.79 -37.60 51.99
C THR A 89 -25.49 -37.25 53.29
N THR A 90 -25.40 -38.14 54.27
CA THR A 90 -26.04 -37.93 55.56
C THR A 90 -25.01 -37.42 56.57
N GLY A 91 -24.87 -36.10 56.62
CA GLY A 91 -23.94 -35.47 57.54
C GLY A 91 -24.53 -34.21 58.17
CA ASP A 97 -27.00 -34.02 55.39
C ASP A 97 -27.56 -33.59 54.05
N ASP A 98 -26.69 -33.27 53.11
CA ASP A 98 -27.15 -32.76 51.82
C ASP A 98 -26.77 -33.64 50.63
N PHE A 99 -26.27 -33.02 49.57
CA PHE A 99 -25.84 -33.75 48.38
C PHE A 99 -24.35 -33.63 48.13
N ALA A 100 -23.75 -34.67 47.56
CA ALA A 100 -22.32 -34.65 47.21
C ALA A 100 -22.09 -35.05 45.75
N THR A 101 -21.29 -34.26 45.04
CA THR A 101 -21.03 -34.51 43.63
C THR A 101 -19.94 -35.57 43.41
N VAL A 102 -20.30 -36.67 42.77
CA VAL A 102 -19.35 -37.71 42.40
C VAL A 102 -18.95 -37.59 40.94
N ALA A 103 -17.72 -37.12 40.70
CA ALA A 103 -17.23 -36.94 39.34
C ALA A 103 -16.51 -38.19 38.83
N SER A 104 -15.96 -38.09 37.62
CA SER A 104 -15.26 -39.20 36.99
C SER A 104 -13.89 -39.45 37.61
N GLY A 105 -13.62 -40.71 37.94
CA GLY A 105 -12.34 -41.09 38.51
C GLY A 105 -12.38 -41.15 40.02
N THR A 106 -13.50 -40.70 40.59
CA THR A 106 -13.67 -40.70 42.04
C THR A 106 -14.00 -42.10 42.56
N ASN A 107 -13.29 -42.52 43.59
CA ASN A 107 -13.49 -43.85 44.17
C ASN A 107 -14.70 -43.90 45.10
N VAL A 108 -15.62 -44.82 44.80
CA VAL A 108 -16.79 -45.03 45.65
C VAL A 108 -16.76 -46.44 46.25
N THR A 109 -16.54 -46.51 47.55
CA THR A 109 -16.41 -47.79 48.23
C THR A 109 -17.68 -48.20 48.97
N PHE A 110 -18.26 -49.32 48.56
CA PHE A 110 -19.42 -49.89 49.24
C PHE A 110 -18.96 -50.73 50.41
N ALA A 111 -18.87 -50.13 51.59
CA ALA A 111 -18.39 -50.83 52.78
C ALA A 111 -19.54 -51.40 53.60
N ASP A 112 -19.21 -52.34 54.49
CA ASP A 112 -20.19 -52.98 55.36
C ASP A 112 -20.20 -52.36 56.76
N GLY A 113 -21.31 -52.49 57.46
CA GLY A 113 -21.45 -51.92 58.79
C GLY A 113 -21.91 -52.91 59.85
N ASN A 114 -22.94 -52.51 60.58
CA ASN A 114 -23.47 -53.32 61.67
C ASN A 114 -24.36 -54.45 61.15
N GLY A 115 -23.89 -55.68 61.29
CA GLY A 115 -24.65 -56.85 60.90
C GLY A 115 -24.84 -56.99 59.40
N THR A 116 -24.03 -56.28 58.63
CA THR A 116 -24.11 -56.34 57.17
C THR A 116 -22.78 -56.79 56.57
N THR A 117 -22.83 -57.35 55.37
CA THR A 117 -21.63 -57.79 54.68
C THR A 117 -21.64 -57.36 53.22
N ALA A 118 -20.78 -56.40 52.88
CA ALA A 118 -20.71 -55.88 51.52
C ALA A 118 -19.99 -56.82 50.56
N GLU A 119 -20.58 -57.04 49.40
CA GLU A 119 -19.96 -57.86 48.37
C GLU A 119 -20.15 -57.27 46.98
N VAL A 120 -19.13 -56.60 46.46
CA VAL A 120 -19.18 -56.02 45.12
C VAL A 120 -18.32 -56.82 44.16
N THR A 121 -18.94 -57.38 43.13
CA THR A 121 -18.22 -58.22 42.17
C THR A 121 -18.30 -57.66 40.75
N LYS A 122 -17.27 -57.92 39.96
CA LYS A 122 -17.23 -57.48 38.57
C LYS A 122 -17.16 -58.67 37.61
N ALA A 123 -18.15 -58.76 36.73
CA ALA A 123 -18.20 -59.84 35.75
C ALA A 123 -17.21 -59.59 34.62
N ASN A 124 -17.08 -60.56 33.72
CA ASN A 124 -16.18 -60.42 32.58
C ASN A 124 -16.70 -59.39 31.58
N ASP A 125 -18.00 -59.13 31.62
CA ASP A 125 -18.62 -58.14 30.75
C ASP A 125 -18.37 -56.72 31.24
N GLY A 126 -17.84 -56.61 32.46
CA GLY A 126 -17.58 -55.32 33.06
C GLY A 126 -18.74 -54.88 33.92
N SER A 127 -19.85 -55.61 33.82
CA SER A 127 -21.05 -55.31 34.59
C SER A 127 -20.82 -55.52 36.08
N ILE A 128 -21.20 -54.54 36.88
CA ILE A 128 -20.99 -54.60 38.33
C ILE A 128 -22.22 -55.13 39.07
N THR A 129 -22.00 -56.11 39.93
CA THR A 129 -23.05 -56.67 40.76
C THR A 129 -22.75 -56.41 42.23
N VAL A 130 -23.58 -55.59 42.86
CA VAL A 130 -23.42 -55.24 44.26
C VAL A 130 -24.48 -55.94 45.12
N LYS A 131 -24.02 -56.67 46.12
CA LYS A 131 -24.92 -57.43 46.99
C LYS A 131 -24.58 -57.28 48.46
N TYR A 132 -25.62 -57.10 49.27
CA TYR A 132 -25.48 -57.02 50.71
C TYR A 132 -25.96 -58.29 51.40
N ASN A 133 -25.19 -58.72 52.41
CA ASN A 133 -25.48 -59.92 53.16
C ASN A 133 -25.76 -59.58 54.61
N VAL A 134 -26.30 -60.53 55.37
CA VAL A 134 -26.56 -60.30 56.78
C VAL A 134 -25.60 -61.14 57.63
N LYS A 135 -25.10 -60.55 58.71
CA LYS A 135 -24.17 -61.23 59.58
C LYS A 135 -24.85 -61.60 60.90
N VAL A 136 -25.17 -62.89 61.04
CA VAL A 136 -25.81 -63.39 62.25
C VAL A 136 -25.03 -64.58 62.80
N ALA A 137 -24.18 -64.34 63.78
CA ALA A 137 -23.38 -65.41 64.38
C ALA A 137 -24.03 -65.96 65.64
N MET B 1 -1.04 -18.49 -6.65
CA MET B 1 -1.40 -18.78 -5.27
C MET B 1 -2.42 -19.90 -5.18
N ASP B 2 -2.09 -20.94 -4.41
CA ASP B 2 -2.99 -22.07 -4.24
C ASP B 2 -3.51 -22.12 -2.80
N PHE B 3 -4.77 -22.51 -2.64
CA PHE B 3 -5.37 -22.58 -1.31
C PHE B 3 -5.86 -23.99 -1.00
N VAL B 4 -5.03 -24.77 -0.32
CA VAL B 4 -5.40 -26.14 0.04
C VAL B 4 -5.46 -26.29 1.56
N SER B 5 -6.25 -27.26 2.03
CA SER B 5 -6.40 -27.49 3.46
C SER B 5 -5.55 -28.67 3.92
N GLY B 6 -5.17 -28.65 5.19
CA GLY B 6 -4.36 -29.73 5.76
C GLY B 6 -5.14 -31.03 5.86
N ASP B 7 -6.25 -30.99 6.58
CA ASP B 7 -7.13 -32.15 6.70
C ASP B 7 -8.53 -31.82 6.18
N LYS B 8 -9.03 -32.68 5.30
CA LYS B 8 -10.32 -32.46 4.66
C LYS B 8 -11.50 -32.62 5.63
N ASP B 9 -11.26 -33.33 6.73
CA ASP B 9 -12.31 -33.63 7.69
C ASP B 9 -12.43 -32.54 8.75
N THR B 10 -11.31 -31.95 9.14
CA THR B 10 -11.30 -30.92 10.17
C THR B 10 -11.53 -29.54 9.58
N THR B 11 -10.92 -29.29 8.43
CA THR B 11 -11.01 -27.99 7.78
C THR B 11 -11.46 -28.11 6.33
N SER B 12 -12.36 -27.22 5.91
CA SER B 12 -12.88 -27.21 4.55
C SER B 12 -12.71 -25.84 3.92
N VAL B 13 -11.94 -25.79 2.83
CA VAL B 13 -11.69 -24.55 2.11
C VAL B 13 -12.16 -24.63 0.67
N THR B 14 -13.08 -23.74 0.29
CA THR B 14 -13.62 -23.72 -1.06
C THR B 14 -13.45 -22.36 -1.70
N VAL B 15 -12.90 -22.34 -2.92
CA VAL B 15 -12.70 -21.10 -3.65
C VAL B 15 -13.68 -20.96 -4.80
N GLU B 16 -14.50 -19.91 -4.76
CA GLU B 16 -15.48 -19.70 -5.82
C GLU B 16 -15.37 -18.30 -6.41
N SER B 17 -16.01 -18.09 -7.55
CA SER B 17 -16.02 -16.80 -8.22
C SER B 17 -17.44 -16.41 -8.63
N LYS B 18 -18.41 -16.90 -7.85
CA LYS B 18 -19.82 -16.68 -8.14
C LYS B 18 -20.22 -15.21 -7.97
N ASP B 19 -19.54 -14.51 -7.07
CA ASP B 19 -19.86 -13.11 -6.79
C ASP B 19 -19.46 -12.20 -7.96
N ASN B 20 -20.09 -12.43 -9.12
CA ASN B 20 -19.83 -11.68 -10.34
C ASN B 20 -18.38 -11.78 -10.83
N GLY B 21 -18.11 -11.16 -11.97
CA GLY B 21 -16.79 -11.14 -12.56
C GLY B 21 -15.76 -10.39 -11.75
N LYS B 22 -14.53 -10.93 -11.74
CA LYS B 22 -13.36 -10.29 -11.16
C LYS B 22 -13.33 -10.37 -9.63
N ARG B 23 -14.44 -10.77 -9.05
CA ARG B 23 -14.52 -10.93 -7.59
C ARG B 23 -14.48 -12.41 -7.22
N THR B 24 -13.33 -12.87 -6.75
CA THR B 24 -13.14 -14.26 -6.38
C THR B 24 -13.13 -14.43 -4.87
N GLU B 25 -14.20 -15.01 -4.34
CA GLU B 25 -14.34 -15.20 -2.90
C GLU B 25 -13.80 -16.55 -2.44
N VAL B 26 -13.07 -16.52 -1.33
CA VAL B 26 -12.51 -17.73 -0.73
C VAL B 26 -13.16 -18.03 0.62
N LYS B 27 -13.99 -19.07 0.66
CA LYS B 27 -14.68 -19.45 1.88
C LYS B 27 -13.88 -20.50 2.67
N ILE B 28 -13.50 -20.14 3.89
CA ILE B 28 -12.77 -21.05 4.77
C ILE B 28 -13.58 -21.38 6.01
N GLY B 29 -14.00 -22.64 6.13
CA GLY B 29 -14.81 -23.07 7.26
C GLY B 29 -14.25 -24.29 7.95
N ALA B 30 -14.76 -24.58 9.15
CA ALA B 30 -14.34 -25.76 9.90
C ALA B 30 -15.44 -26.81 9.93
N LYS B 31 -15.16 -27.95 9.32
CA LYS B 31 -16.13 -29.05 9.27
C LYS B 31 -16.30 -29.70 10.65
N THR B 32 -17.51 -29.63 11.18
CA THR B 32 -17.80 -30.16 12.51
C THR B 32 -18.64 -31.43 12.46
N SER B 33 -18.40 -32.33 13.40
CA SER B 33 -19.17 -33.57 13.50
C SER B 33 -20.11 -33.55 14.70
N VAL B 34 -21.22 -34.25 14.59
CA VAL B 34 -22.22 -34.30 15.65
C VAL B 34 -22.02 -35.53 16.55
N ILE B 35 -22.22 -35.35 17.85
CA ILE B 35 -22.09 -36.45 18.81
C ILE B 35 -23.45 -36.96 19.26
N LYS B 36 -23.66 -38.26 19.11
CA LYS B 36 -24.89 -38.91 19.54
C LYS B 36 -24.69 -39.70 20.82
N ASP B 37 -25.78 -40.27 21.35
CA ASP B 37 -25.70 -41.06 22.57
C ASP B 37 -26.87 -42.02 22.71
N HIS B 38 -26.64 -43.13 23.41
CA HIS B 38 -27.68 -44.11 23.69
C HIS B 38 -27.34 -44.88 24.95
N ASN B 39 -28.32 -45.03 25.84
CA ASN B 39 -28.14 -45.75 27.09
C ASN B 39 -26.97 -45.23 27.92
N GLY B 40 -26.76 -43.92 27.87
CA GLY B 40 -25.69 -43.29 28.63
C GLY B 40 -24.32 -43.41 28.00
N LYS B 41 -24.25 -44.07 26.85
CA LYS B 41 -22.97 -44.24 26.16
C LYS B 41 -22.93 -43.42 24.87
N LEU B 42 -21.86 -42.66 24.69
CA LEU B 42 -21.72 -41.80 23.53
C LEU B 42 -21.41 -42.60 22.27
N PHE B 43 -22.13 -42.30 21.20
CA PHE B 43 -21.92 -42.96 19.92
C PHE B 43 -21.78 -41.91 18.83
N THR B 44 -21.11 -42.27 17.73
CA THR B 44 -21.04 -41.38 16.58
C THR B 44 -22.37 -41.46 15.82
N GLY B 45 -22.48 -40.70 14.75
CA GLY B 45 -23.69 -40.72 13.95
C GLY B 45 -23.87 -42.07 13.28
N LYS B 46 -22.80 -42.52 12.61
CA LYS B 46 -22.82 -43.79 11.90
C LYS B 46 -23.05 -44.95 12.86
N GLU B 47 -22.40 -44.91 14.02
CA GLU B 47 -22.56 -45.97 15.01
C GLU B 47 -23.98 -46.07 15.52
N LEU B 48 -24.57 -44.94 15.92
CA LEU B 48 -25.94 -44.95 16.44
C LEU B 48 -26.95 -45.34 15.38
N LYS B 49 -26.73 -44.87 14.15
CA LYS B 49 -27.67 -45.15 13.06
C LYS B 49 -27.61 -46.61 12.61
N ASP B 50 -26.41 -47.18 12.58
CA ASP B 50 -26.20 -48.52 12.06
C ASP B 50 -26.38 -49.64 13.09
N ALA B 51 -25.97 -49.38 14.33
CA ALA B 51 -25.99 -50.43 15.34
C ALA B 51 -27.35 -50.57 16.01
N ASN B 52 -28.02 -49.45 16.24
CA ASN B 52 -29.32 -49.49 16.91
C ASN B 52 -30.45 -49.17 15.95
N ASN B 53 -31.53 -49.93 16.04
CA ASN B 53 -32.67 -49.79 15.14
C ASN B 53 -33.95 -49.41 15.88
N ASN B 54 -34.07 -49.87 17.13
CA ASN B 54 -35.31 -49.73 17.86
C ASN B 54 -35.47 -48.34 18.47
N GLY B 55 -36.65 -47.75 18.25
CA GLY B 55 -37.03 -46.50 18.87
C GLY B 55 -36.21 -45.27 18.51
N VAL B 56 -35.27 -45.41 17.59
CA VAL B 56 -34.38 -44.31 17.25
C VAL B 56 -34.50 -43.89 15.78
N THR B 57 -34.56 -42.59 15.54
CA THR B 57 -34.63 -42.04 14.19
C THR B 57 -33.42 -41.16 13.88
N VAL B 58 -32.49 -41.69 13.10
CA VAL B 58 -31.30 -40.94 12.71
C VAL B 58 -31.39 -40.54 11.24
N THR B 59 -31.10 -39.28 10.94
CA THR B 59 -31.18 -38.77 9.58
C THR B 59 -30.08 -39.35 8.70
N GLU B 60 -30.26 -39.21 7.39
CA GLU B 60 -29.30 -39.75 6.42
C GLU B 60 -27.96 -39.02 6.47
N THR B 61 -28.02 -37.71 6.71
CA THR B 61 -26.81 -36.91 6.80
C THR B 61 -26.00 -37.27 8.04
N ASP B 62 -26.70 -37.57 9.13
CA ASP B 62 -26.05 -37.99 10.37
C ASP B 62 -25.63 -39.45 10.31
N GLY B 63 -26.28 -40.21 9.43
CA GLY B 63 -25.97 -41.62 9.26
C GLY B 63 -24.59 -41.87 8.69
N LYS B 64 -24.13 -40.93 7.86
CA LYS B 64 -22.82 -41.04 7.24
C LYS B 64 -21.72 -40.39 8.07
N ASP B 65 -22.12 -39.70 9.14
CA ASP B 65 -21.16 -39.01 10.00
C ASP B 65 -20.33 -40.03 10.78
N GLU B 66 -19.01 -40.00 10.57
CA GLU B 66 -18.11 -40.91 11.26
C GLU B 66 -17.33 -40.23 12.36
N GLY B 67 -17.65 -38.97 12.62
CA GLY B 67 -17.03 -38.23 13.70
C GLY B 67 -15.55 -37.92 13.48
N ASN B 68 -15.19 -37.57 12.25
CA ASN B 68 -13.81 -37.24 11.93
C ASN B 68 -13.58 -35.73 11.96
N GLY B 69 -14.67 -34.98 12.00
CA GLY B 69 -14.61 -33.53 12.05
C GLY B 69 -14.51 -33.05 13.48
N LEU B 70 -14.43 -31.73 13.65
CA LEU B 70 -14.33 -31.14 14.98
C LEU B 70 -15.70 -31.15 15.65
N VAL B 71 -15.75 -30.69 16.90
CA VAL B 71 -17.01 -30.67 17.63
C VAL B 71 -17.20 -29.34 18.36
N THR B 72 -18.45 -28.90 18.48
CA THR B 72 -18.76 -27.66 19.17
C THR B 72 -18.95 -27.89 20.68
N ALA B 73 -19.09 -26.79 21.42
CA ALA B 73 -19.29 -26.87 22.86
C ALA B 73 -20.64 -27.44 23.26
N LYS B 74 -21.70 -26.95 22.62
CA LYS B 74 -23.06 -27.36 22.95
C LYS B 74 -23.28 -28.85 22.71
N ALA B 75 -22.69 -29.36 21.63
CA ALA B 75 -22.82 -30.77 21.28
C ALA B 75 -22.21 -31.65 22.36
N VAL B 76 -21.00 -31.29 22.79
CA VAL B 76 -20.31 -32.02 23.85
C VAL B 76 -21.09 -31.94 25.16
N ILE B 77 -21.54 -30.74 25.51
CA ILE B 77 -22.30 -30.52 26.72
C ILE B 77 -23.56 -31.38 26.78
N ASP B 78 -24.36 -31.33 25.72
CA ASP B 78 -25.59 -32.12 25.67
C ASP B 78 -25.30 -33.62 25.64
N ALA B 79 -24.19 -33.99 25.00
CA ALA B 79 -23.80 -35.39 24.88
C ALA B 79 -23.46 -35.96 26.26
N VAL B 80 -22.66 -35.21 27.02
CA VAL B 80 -22.28 -35.63 28.36
C VAL B 80 -23.50 -35.63 29.27
N ASN B 81 -24.33 -34.59 29.14
CA ASN B 81 -25.53 -34.46 29.95
C ASN B 81 -26.56 -35.55 29.64
N LYS B 82 -26.37 -36.24 28.52
CA LYS B 82 -27.23 -37.37 28.17
C LYS B 82 -26.45 -38.69 28.31
N ALA B 83 -25.27 -38.63 28.91
CA ALA B 83 -24.44 -39.82 29.08
C ALA B 83 -24.23 -40.16 30.55
N GLY B 84 -24.08 -41.45 30.83
CA GLY B 84 -23.88 -41.93 32.18
C GLY B 84 -23.94 -43.45 32.31
N TRP B 85 -24.19 -43.93 33.52
CA TRP B 85 -24.19 -45.37 33.77
C TRP B 85 -25.59 -45.89 34.09
N ARG B 86 -25.90 -47.11 33.64
CA ARG B 86 -27.23 -47.67 33.80
C ARG B 86 -27.37 -48.53 35.06
N VAL B 87 -28.53 -48.45 35.70
CA VAL B 87 -28.82 -49.22 36.90
C VAL B 87 -30.02 -50.14 36.70
N LYS B 88 -29.94 -51.33 37.28
CA LYS B 88 -31.03 -52.31 37.18
C LYS B 88 -32.22 -51.87 38.03
N THR B 89 -33.37 -51.69 37.38
CA THR B 89 -34.58 -51.29 38.07
C THR B 89 -35.39 -52.52 38.47
N THR B 90 -35.87 -52.53 39.72
CA THR B 90 -36.58 -53.68 40.26
C THR B 90 -38.09 -53.52 40.15
N GLY B 91 -38.64 -54.01 39.04
CA GLY B 91 -40.07 -53.95 38.83
C GLY B 91 -40.61 -55.23 38.21
N ASP B 98 -36.02 -52.28 31.85
CA ASP B 98 -35.61 -52.77 33.15
C ASP B 98 -34.37 -52.03 33.67
N PHE B 99 -33.73 -51.27 32.78
CA PHE B 99 -32.56 -50.48 33.15
C PHE B 99 -32.88 -48.99 33.08
N ALA B 100 -32.21 -48.22 33.93
CA ALA B 100 -32.40 -46.77 33.95
C ALA B 100 -31.08 -46.03 33.79
N THR B 101 -31.06 -45.05 32.88
CA THR B 101 -29.86 -44.29 32.58
C THR B 101 -29.60 -43.20 33.62
N VAL B 102 -28.47 -43.30 34.30
CA VAL B 102 -28.05 -42.29 35.26
C VAL B 102 -27.04 -41.34 34.61
N ALA B 103 -27.50 -40.14 34.28
CA ALA B 103 -26.67 -39.15 33.62
C ALA B 103 -25.99 -38.24 34.65
N SER B 104 -25.25 -37.24 34.14
CA SER B 104 -24.56 -36.31 35.01
C SER B 104 -25.50 -35.29 35.64
N GLY B 105 -25.39 -35.13 36.96
CA GLY B 105 -26.19 -34.15 37.69
C GLY B 105 -27.48 -34.68 38.30
N THR B 106 -27.85 -35.90 37.96
CA THR B 106 -29.07 -36.49 38.49
C THR B 106 -28.81 -37.03 39.91
N ASN B 107 -29.76 -36.75 40.81
CA ASN B 107 -29.62 -37.13 42.21
C ASN B 107 -29.89 -38.61 42.48
N VAL B 108 -28.93 -39.26 43.12
CA VAL B 108 -29.08 -40.65 43.54
C VAL B 108 -29.06 -40.73 45.06
N THR B 109 -30.22 -41.02 45.65
CA THR B 109 -30.36 -41.04 47.10
C THR B 109 -30.35 -42.44 47.69
N PHE B 110 -29.34 -42.73 48.51
CA PHE B 110 -29.27 -43.98 49.23
C PHE B 110 -30.07 -43.89 50.53
N ALA B 111 -31.35 -44.25 50.47
CA ALA B 111 -32.21 -44.18 51.63
C ALA B 111 -32.28 -45.51 52.36
N ASP B 112 -32.75 -45.47 53.61
CA ASP B 112 -32.91 -46.68 54.40
C ASP B 112 -34.37 -47.14 54.39
N GLY B 113 -34.59 -48.43 54.67
CA GLY B 113 -35.94 -48.97 54.66
C GLY B 113 -36.30 -49.71 55.93
N ASN B 114 -36.79 -50.93 55.76
CA ASN B 114 -37.22 -51.75 56.89
C ASN B 114 -36.03 -52.40 57.59
N GLY B 115 -35.77 -51.96 58.81
CA GLY B 115 -34.70 -52.53 59.63
C GLY B 115 -33.31 -52.25 59.10
N THR B 116 -33.19 -51.24 58.24
CA THR B 116 -31.90 -50.85 57.68
C THR B 116 -31.58 -49.40 58.01
N THR B 117 -30.29 -49.06 57.98
CA THR B 117 -29.85 -47.69 58.26
C THR B 117 -28.82 -47.23 57.24
N ALA B 118 -29.20 -46.29 56.39
CA ALA B 118 -28.32 -45.78 55.35
C ALA B 118 -27.30 -44.80 55.92
N GLU B 119 -26.04 -44.98 55.57
CA GLU B 119 -24.98 -44.08 56.00
C GLU B 119 -23.99 -43.80 54.86
N VAL B 120 -24.15 -42.65 54.22
CA VAL B 120 -23.25 -42.25 53.14
C VAL B 120 -22.37 -41.09 53.60
N THR B 121 -21.05 -41.31 53.58
CA THR B 121 -20.10 -40.30 54.04
C THR B 121 -19.15 -39.89 52.93
N LYS B 122 -18.69 -38.64 52.98
CA LYS B 122 -17.76 -38.12 52.00
C LYS B 122 -16.45 -37.70 52.64
N ALA B 123 -15.36 -38.32 52.20
CA ALA B 123 -14.03 -38.01 52.72
C ALA B 123 -13.50 -36.71 52.12
N ASN B 124 -12.37 -36.24 52.62
CA ASN B 124 -11.73 -35.04 52.10
C ASN B 124 -11.15 -35.27 50.70
N ASP B 125 -10.90 -36.52 50.38
CA ASP B 125 -10.36 -36.89 49.07
C ASP B 125 -11.46 -36.86 48.01
N GLY B 126 -12.70 -36.73 48.46
CA GLY B 126 -13.85 -36.71 47.56
C GLY B 126 -14.42 -38.11 47.40
N SER B 127 -13.68 -39.10 47.91
CA SER B 127 -14.09 -40.49 47.85
C SER B 127 -15.34 -40.73 48.68
N ILE B 128 -16.33 -41.39 48.08
CA ILE B 128 -17.60 -41.65 48.76
C ILE B 128 -17.61 -43.04 49.39
N THR B 129 -17.98 -43.10 50.66
CA THR B 129 -18.10 -44.37 51.36
C THR B 129 -19.56 -44.61 51.74
N VAL B 130 -20.16 -45.62 51.13
CA VAL B 130 -21.55 -45.97 51.37
C VAL B 130 -21.64 -47.22 52.23
N LYS B 131 -22.36 -47.11 53.35
CA LYS B 131 -22.47 -48.22 54.28
C LYS B 131 -23.91 -48.42 54.76
N TYR B 132 -24.37 -49.66 54.76
CA TYR B 132 -25.69 -50.01 55.27
C TYR B 132 -25.60 -50.72 56.62
N ASN B 133 -26.50 -50.35 57.52
CA ASN B 133 -26.52 -50.92 58.87
C ASN B 133 -27.83 -51.64 59.17
N VAL B 134 -27.81 -52.41 60.26
CA VAL B 134 -29.00 -53.10 60.73
C VAL B 134 -29.46 -52.42 62.01
N LYS B 135 -30.76 -52.26 62.18
CA LYS B 135 -31.29 -51.55 63.34
C LYS B 135 -31.89 -52.47 64.38
N VAL B 136 -31.17 -52.63 65.48
CA VAL B 136 -31.58 -53.47 66.59
C VAL B 136 -31.55 -52.68 67.89
N ALA B 137 -32.71 -52.18 68.32
CA ALA B 137 -32.77 -51.40 69.56
C ALA B 137 -33.16 -52.27 70.75
N ASP B 138 -33.13 -51.67 71.94
CA ASP B 138 -33.54 -52.32 73.18
C ASP B 138 -32.85 -53.67 73.38
N MET C 1 1.12 -9.42 1.11
CA MET C 1 0.05 -10.06 1.87
C MET C 1 0.59 -11.15 2.77
N ASP C 2 0.29 -11.04 4.07
CA ASP C 2 0.74 -12.02 5.05
C ASP C 2 -0.44 -12.81 5.60
N PHE C 3 -0.20 -14.08 5.90
CA PHE C 3 -1.22 -14.98 6.42
C PHE C 3 -0.85 -15.53 7.79
N VAL C 4 -1.37 -14.90 8.84
CA VAL C 4 -1.07 -15.32 10.20
C VAL C 4 -2.33 -15.85 10.87
N SER C 5 -2.15 -16.74 11.85
CA SER C 5 -3.26 -17.35 12.55
C SER C 5 -3.56 -16.68 13.89
N GLY C 6 -4.80 -16.79 14.35
CA GLY C 6 -5.21 -16.22 15.61
C GLY C 6 -4.53 -16.94 16.77
N ASP C 7 -4.74 -18.26 16.85
CA ASP C 7 -4.08 -19.08 17.85
C ASP C 7 -3.25 -20.15 17.16
N LYS C 8 -1.98 -20.27 17.56
CA LYS C 8 -1.06 -21.20 16.92
C LYS C 8 -1.39 -22.65 17.22
N ASP C 9 -2.12 -22.88 18.31
CA ASP C 9 -2.46 -24.24 18.73
C ASP C 9 -3.76 -24.73 18.10
N THR C 10 -4.70 -23.82 17.88
CA THR C 10 -6.00 -24.18 17.33
C THR C 10 -5.96 -24.18 15.81
N THR C 11 -5.28 -23.20 15.23
CA THR C 11 -5.20 -23.06 13.78
C THR C 11 -3.75 -23.00 13.34
N SER C 12 -3.42 -23.73 12.27
CA SER C 12 -2.06 -23.74 11.74
C SER C 12 -2.06 -23.43 10.24
N VAL C 13 -1.40 -22.34 9.87
CA VAL C 13 -1.28 -21.94 8.47
C VAL C 13 0.17 -21.86 8.03
N THR C 14 0.53 -22.66 7.04
CA THR C 14 1.90 -22.66 6.52
C THR C 14 1.91 -22.42 5.02
N VAL C 15 2.72 -21.47 4.58
CA VAL C 15 2.81 -21.15 3.16
C VAL C 15 4.11 -21.65 2.54
N GLU C 16 4.00 -22.54 1.55
CA GLU C 16 5.19 -23.07 0.89
C GLU C 16 5.10 -22.90 -0.62
N SER C 17 6.21 -23.08 -1.32
CA SER C 17 6.21 -22.97 -2.78
C SER C 17 6.95 -24.12 -3.43
N LYS C 18 6.52 -25.35 -3.15
CA LYS C 18 7.19 -26.53 -3.69
C LYS C 18 7.00 -26.74 -5.20
N ASP C 19 7.05 -25.64 -5.96
CA ASP C 19 7.06 -25.74 -7.42
C ASP C 19 8.29 -25.01 -7.98
N ASN C 20 9.21 -24.66 -7.10
CA ASN C 20 10.43 -23.94 -7.44
C ASN C 20 10.15 -22.58 -8.08
N GLY C 21 8.97 -22.03 -7.83
CA GLY C 21 8.63 -20.72 -8.36
C GLY C 21 7.18 -20.53 -8.80
N LYS C 22 6.68 -19.32 -8.53
CA LYS C 22 5.38 -18.83 -9.01
C LYS C 22 4.16 -19.58 -8.48
N ARG C 23 4.35 -20.76 -7.92
CA ARG C 23 3.22 -21.49 -7.33
C ARG C 23 3.35 -21.48 -5.81
N THR C 24 2.58 -20.60 -5.17
CA THR C 24 2.62 -20.50 -3.71
C THR C 24 1.37 -21.11 -3.10
N GLU C 25 1.52 -22.29 -2.52
CA GLU C 25 0.40 -22.97 -1.89
C GLU C 25 0.33 -22.60 -0.41
N VAL C 26 -0.89 -22.35 0.05
CA VAL C 26 -1.14 -22.01 1.43
C VAL C 26 -1.92 -23.14 2.11
N LYS C 27 -1.25 -23.88 2.98
CA LYS C 27 -1.89 -24.99 3.67
C LYS C 27 -2.48 -24.53 5.00
N ILE C 28 -3.79 -24.68 5.13
CA ILE C 28 -4.50 -24.32 6.35
C ILE C 28 -5.09 -25.56 7.01
N GLY C 29 -4.55 -25.93 8.17
CA GLY C 29 -5.03 -27.10 8.87
C GLY C 29 -5.35 -26.78 10.32
N ALA C 30 -6.07 -27.69 10.96
CA ALA C 30 -6.41 -27.53 12.36
C ALA C 30 -5.64 -28.52 13.21
N LYS C 31 -4.77 -28.00 14.08
CA LYS C 31 -3.97 -28.83 14.96
C LYS C 31 -4.87 -29.43 16.03
N THR C 32 -4.95 -30.76 16.05
CA THR C 32 -5.80 -31.46 17.00
C THR C 32 -4.99 -32.15 18.08
N SER C 33 -5.54 -32.19 19.28
CA SER C 33 -4.88 -32.84 20.40
C SER C 33 -5.60 -34.13 20.76
N VAL C 34 -4.85 -35.09 21.30
CA VAL C 34 -5.43 -36.36 21.68
C VAL C 34 -5.79 -36.35 23.17
N ILE C 35 -6.93 -36.96 23.50
CA ILE C 35 -7.36 -37.05 24.88
C ILE C 35 -7.09 -38.44 25.42
N LYS C 36 -6.36 -38.51 26.53
CA LYS C 36 -6.04 -39.79 27.13
C LYS C 36 -6.89 -40.00 28.38
N ASP C 37 -6.76 -41.17 29.00
CA ASP C 37 -7.51 -41.48 30.20
C ASP C 37 -6.86 -42.58 31.03
N HIS C 38 -7.11 -42.55 32.33
CA HIS C 38 -6.61 -43.57 33.23
C HIS C 38 -7.49 -43.67 34.47
N ASN C 39 -7.84 -44.90 34.84
CA ASN C 39 -8.68 -45.17 36.00
C ASN C 39 -10.00 -44.40 35.99
N GLY C 40 -10.57 -44.23 34.80
CA GLY C 40 -11.85 -43.55 34.65
C GLY C 40 -11.74 -42.04 34.69
N LYS C 41 -10.53 -41.53 34.86
CA LYS C 41 -10.31 -40.10 34.90
C LYS C 41 -9.54 -39.64 33.65
N LEU C 42 -10.06 -38.61 32.99
CA LEU C 42 -9.46 -38.12 31.75
C LEU C 42 -8.16 -37.34 32.01
N PHE C 43 -7.13 -37.66 31.24
CA PHE C 43 -5.85 -36.97 31.36
C PHE C 43 -5.34 -36.51 30.00
N THR C 44 -4.51 -35.47 30.01
CA THR C 44 -3.85 -35.02 28.79
C THR C 44 -2.65 -35.92 28.48
N GLY C 45 -1.97 -35.62 27.38
CA GLY C 45 -0.79 -36.38 27.00
C GLY C 45 0.36 -36.15 27.97
N LYS C 46 0.67 -34.88 28.21
CA LYS C 46 1.77 -34.49 29.09
C LYS C 46 1.58 -34.98 30.52
N GLU C 47 0.36 -34.84 31.04
CA GLU C 47 0.06 -35.25 32.40
C GLU C 47 0.22 -36.76 32.59
N LEU C 48 -0.38 -37.54 31.68
CA LEU C 48 -0.31 -38.99 31.75
C LEU C 48 1.12 -39.49 31.54
N LYS C 49 1.84 -38.85 30.63
CA LYS C 49 3.20 -39.27 30.32
C LYS C 49 4.19 -38.96 31.44
N ASP C 50 4.01 -37.81 32.09
CA ASP C 50 4.97 -37.36 33.10
C ASP C 50 4.64 -37.89 34.49
N ALA C 51 3.36 -38.00 34.83
CA ALA C 51 2.97 -38.41 36.17
C ALA C 51 2.90 -39.93 36.32
N ASN C 52 2.40 -40.61 35.29
CA ASN C 52 2.22 -42.05 35.37
C ASN C 52 3.20 -42.80 34.46
N ASN C 53 3.79 -43.86 35.01
CA ASN C 53 4.78 -44.66 34.29
C ASN C 53 4.32 -46.12 34.15
N ASN C 54 3.54 -46.57 35.12
CA ASN C 54 3.18 -47.98 35.21
C ASN C 54 2.06 -48.35 34.25
N GLY C 55 2.26 -49.45 33.53
CA GLY C 55 1.24 -50.02 32.65
C GLY C 55 0.81 -49.17 31.48
N VAL C 56 1.47 -48.02 31.28
CA VAL C 56 1.07 -47.10 30.22
C VAL C 56 2.19 -46.89 29.20
N THR C 57 1.82 -46.90 27.92
CA THR C 57 2.77 -46.67 26.84
C THR C 57 2.39 -45.42 26.05
N VAL C 58 3.11 -44.33 26.29
CA VAL C 58 2.84 -43.08 25.59
C VAL C 58 3.93 -42.74 24.58
N THR C 59 3.52 -42.39 23.36
CA THR C 59 4.44 -42.03 22.30
C THR C 59 5.09 -40.68 22.59
N GLU C 60 6.18 -40.37 21.88
CA GLU C 60 6.91 -39.13 22.09
C GLU C 60 6.08 -37.93 21.65
N THR C 61 5.31 -38.11 20.57
CA THR C 61 4.46 -37.04 20.05
C THR C 61 3.32 -36.73 21.01
N ASP C 62 2.78 -37.76 21.65
CA ASP C 62 1.72 -37.59 22.63
C ASP C 62 2.29 -37.16 23.97
N GLY C 63 3.57 -37.46 24.19
CA GLY C 63 4.24 -37.09 25.42
C GLY C 63 4.41 -35.59 25.57
N LYS C 64 4.57 -34.90 24.44
CA LYS C 64 4.74 -33.45 24.44
C LYS C 64 3.40 -32.73 24.33
N ASP C 65 2.34 -33.49 24.07
CA ASP C 65 1.01 -32.92 23.92
C ASP C 65 0.50 -32.41 25.26
N GLU C 66 0.23 -31.11 25.33
CA GLU C 66 -0.27 -30.49 26.56
C GLU C 66 -1.77 -30.21 26.47
N GLY C 67 -2.39 -30.66 25.40
CA GLY C 67 -3.84 -30.53 25.23
C GLY C 67 -4.35 -29.12 25.04
N ASN C 68 -3.62 -28.31 24.28
CA ASN C 68 -4.04 -26.94 24.01
C ASN C 68 -4.74 -26.81 22.66
N GLY C 69 -4.66 -27.85 21.85
CA GLY C 69 -5.29 -27.85 20.54
C GLY C 69 -6.74 -28.30 20.60
N LEU C 70 -7.41 -28.29 19.45
CA LEU C 70 -8.81 -28.69 19.38
C LEU C 70 -8.96 -30.20 19.43
N VAL C 71 -10.21 -30.67 19.47
CA VAL C 71 -10.49 -32.10 19.51
C VAL C 71 -11.62 -32.48 18.57
N THR C 72 -11.55 -33.69 18.02
CA THR C 72 -12.59 -34.19 17.14
C THR C 72 -13.69 -34.86 17.95
N ALA C 73 -14.77 -35.24 17.27
CA ALA C 73 -15.90 -35.88 17.93
C ALA C 73 -15.53 -37.27 18.44
N LYS C 74 -14.82 -38.03 17.62
CA LYS C 74 -14.43 -39.40 17.95
C LYS C 74 -13.57 -39.46 19.20
N ALA C 75 -12.64 -38.52 19.34
CA ALA C 75 -11.75 -38.46 20.49
C ALA C 75 -12.53 -38.24 21.78
N VAL C 76 -13.43 -37.26 21.76
CA VAL C 76 -14.26 -36.94 22.91
C VAL C 76 -15.16 -38.11 23.28
N ILE C 77 -15.80 -38.69 22.26
CA ILE C 77 -16.69 -39.84 22.46
C ILE C 77 -15.95 -41.00 23.12
N ASP C 78 -14.81 -41.37 22.56
CA ASP C 78 -14.04 -42.48 23.12
C ASP C 78 -13.52 -42.17 24.52
N ALA C 79 -13.19 -40.89 24.75
CA ALA C 79 -12.67 -40.46 26.04
C ALA C 79 -13.73 -40.61 27.12
N VAL C 80 -14.94 -40.14 26.83
CA VAL C 80 -16.04 -40.25 27.77
C VAL C 80 -16.42 -41.71 27.96
N ASN C 81 -16.45 -42.47 26.86
CA ASN C 81 -16.79 -43.88 26.91
C ASN C 81 -15.76 -44.72 27.66
N LYS C 82 -14.57 -44.15 27.88
CA LYS C 82 -13.56 -44.82 28.71
C LYS C 82 -13.40 -44.12 30.06
N ALA C 83 -14.32 -43.22 30.38
CA ALA C 83 -14.26 -42.48 31.64
C ALA C 83 -15.46 -42.79 32.53
N GLY C 84 -15.25 -42.73 33.84
CA GLY C 84 -16.30 -42.99 34.81
C GLY C 84 -15.79 -43.07 36.23
N TRP C 85 -16.54 -43.73 37.09
CA TRP C 85 -16.19 -43.82 38.52
C TRP C 85 -15.82 -45.25 38.87
N ARG C 86 -14.83 -45.41 39.76
CA ARG C 86 -14.34 -46.74 40.10
C ARG C 86 -15.00 -47.28 41.37
N VAL C 87 -15.25 -48.58 41.39
CA VAL C 87 -15.88 -49.23 42.53
C VAL C 87 -14.94 -50.29 43.09
N LYS C 88 -14.91 -50.41 44.42
CA LYS C 88 -14.06 -51.40 45.08
C LYS C 88 -14.59 -52.81 44.86
N THR C 89 -13.80 -53.64 44.21
CA THR C 89 -14.16 -55.04 43.96
C THR C 89 -13.60 -55.94 45.06
N THR C 90 -14.43 -56.81 45.60
CA THR C 90 -14.03 -57.69 46.70
C THR C 90 -13.63 -59.07 46.19
N GLY C 91 -12.35 -59.25 45.89
CA GLY C 91 -11.84 -60.53 45.43
C GLY C 91 -10.61 -60.39 44.57
N ASP C 97 -9.24 -57.21 45.56
CA ASP C 97 -9.53 -56.21 46.59
C ASP C 97 -9.25 -54.81 46.08
N ASP C 98 -8.94 -54.69 44.79
CA ASP C 98 -8.63 -53.37 44.25
C ASP C 98 -9.86 -52.62 43.74
N PHE C 99 -9.68 -51.88 42.65
CA PHE C 99 -10.76 -51.12 42.04
C PHE C 99 -11.09 -51.56 40.62
N ALA C 100 -12.35 -51.41 40.23
CA ALA C 100 -12.79 -51.71 38.88
C ALA C 100 -13.47 -50.48 38.32
N THR C 101 -13.09 -50.09 37.10
CA THR C 101 -13.61 -48.87 36.49
C THR C 101 -14.99 -49.03 35.86
N VAL C 102 -15.94 -48.27 36.38
CA VAL C 102 -17.29 -48.22 35.80
C VAL C 102 -17.43 -46.99 34.92
N ALA C 103 -17.44 -47.20 33.61
CA ALA C 103 -17.56 -46.11 32.66
C ALA C 103 -19.01 -45.83 32.34
N SER C 104 -19.25 -44.90 31.42
CA SER C 104 -20.60 -44.54 31.03
C SER C 104 -21.23 -45.64 30.19
N GLY C 105 -22.44 -46.04 30.54
CA GLY C 105 -23.15 -47.08 29.81
C GLY C 105 -22.97 -48.45 30.44
N THR C 106 -22.10 -48.53 31.43
CA THR C 106 -21.84 -49.79 32.13
C THR C 106 -22.96 -50.13 33.10
N ASN C 107 -23.44 -51.38 33.03
CA ASN C 107 -24.54 -51.80 33.87
C ASN C 107 -24.12 -52.15 35.29
N VAL C 108 -24.74 -51.48 36.26
CA VAL C 108 -24.52 -51.78 37.67
C VAL C 108 -25.82 -52.28 38.31
N THR C 109 -25.84 -53.56 38.67
CA THR C 109 -27.05 -54.17 39.21
C THR C 109 -27.01 -54.29 40.72
N PHE C 110 -27.91 -53.59 41.39
CA PHE C 110 -28.06 -53.70 42.83
C PHE C 110 -28.99 -54.86 43.18
N ALA C 111 -28.39 -56.04 43.38
CA ALA C 111 -29.16 -57.23 43.69
C ALA C 111 -29.26 -57.46 45.20
N ASP C 112 -30.19 -58.31 45.60
CA ASP C 112 -30.36 -58.65 47.01
C ASP C 112 -29.64 -59.95 47.33
N GLY C 113 -29.29 -60.14 48.59
CA GLY C 113 -28.56 -61.32 49.00
C GLY C 113 -29.20 -62.09 50.14
N ASN C 114 -28.41 -62.36 51.17
CA ASN C 114 -28.87 -63.14 52.31
C ASN C 114 -29.72 -62.32 53.28
N GLY C 115 -31.01 -62.62 53.34
CA GLY C 115 -31.90 -61.96 54.28
C GLY C 115 -32.13 -60.50 53.99
N THR C 116 -31.83 -60.09 52.75
CA THR C 116 -32.00 -58.71 52.34
C THR C 116 -32.95 -58.59 51.15
N THR C 117 -33.52 -57.41 50.97
CA THR C 117 -34.44 -57.18 49.86
C THR C 117 -34.09 -55.88 49.14
N ALA C 118 -33.57 -56.01 47.93
CA ALA C 118 -33.17 -54.86 47.13
C ALA C 118 -34.36 -54.16 46.49
N GLU C 119 -34.38 -52.84 46.60
CA GLU C 119 -35.43 -52.03 45.99
C GLU C 119 -34.85 -50.78 45.37
N VAL C 120 -34.64 -50.80 44.04
CA VAL C 120 -34.12 -49.64 43.34
C VAL C 120 -35.19 -49.02 42.46
N THR C 121 -35.53 -47.76 42.74
CA THR C 121 -36.58 -47.07 41.99
C THR C 121 -36.09 -45.80 41.31
N LYS C 122 -36.70 -45.47 40.18
CA LYS C 122 -36.38 -44.24 39.46
C LYS C 122 -37.61 -43.35 39.36
N ALA C 123 -37.50 -42.13 39.87
CA ALA C 123 -38.63 -41.20 39.83
C ALA C 123 -38.79 -40.61 38.43
N ASN C 124 -39.88 -39.88 38.22
CA ASN C 124 -40.13 -39.24 36.94
C ASN C 124 -39.16 -38.08 36.71
N ASP C 125 -38.62 -37.54 37.80
CA ASP C 125 -37.65 -36.46 37.72
C ASP C 125 -36.28 -37.01 37.35
N GLY C 126 -36.16 -38.33 37.34
CA GLY C 126 -34.91 -38.99 37.02
C GLY C 126 -34.08 -39.33 38.24
N SER C 127 -34.49 -38.83 39.41
CA SER C 127 -33.77 -39.09 40.65
C SER C 127 -33.86 -40.57 41.03
N ILE C 128 -32.71 -41.17 41.33
CA ILE C 128 -32.64 -42.59 41.67
C ILE C 128 -32.64 -42.80 43.19
N THR C 129 -33.53 -43.68 43.66
CA THR C 129 -33.58 -44.03 45.06
C THR C 129 -33.30 -45.52 45.28
N VAL C 130 -32.17 -45.83 45.92
CA VAL C 130 -31.79 -47.21 46.19
C VAL C 130 -32.00 -47.52 47.68
N LYS C 131 -32.78 -48.55 47.96
CA LYS C 131 -33.11 -48.90 49.34
C LYS C 131 -33.05 -50.40 49.60
N TYR C 132 -32.42 -50.78 50.71
CA TYR C 132 -32.35 -52.18 51.15
C TYR C 132 -33.30 -52.44 52.31
N ASN C 133 -33.98 -53.59 52.29
CA ASN C 133 -34.90 -53.94 53.35
C ASN C 133 -34.50 -55.23 54.08
N VAL C 134 -35.04 -55.39 55.29
CA VAL C 134 -34.83 -56.61 56.08
C VAL C 134 -36.15 -57.35 56.26
N LYS C 135 -36.13 -58.68 56.14
CA LYS C 135 -37.32 -59.50 56.29
C LYS C 135 -37.27 -60.32 57.58
N VAL C 136 -38.13 -59.99 58.53
CA VAL C 136 -38.17 -60.70 59.80
C VAL C 136 -39.56 -61.27 60.06
N ALA C 137 -39.73 -62.55 59.71
CA ALA C 137 -41.00 -63.25 59.87
C ALA C 137 -41.03 -64.06 61.17
N ASP C 138 -42.19 -64.69 61.42
CA ASP C 138 -42.39 -65.57 62.57
C ASP C 138 -42.02 -64.90 63.89
N MET D 1 9.31 -4.41 37.78
CA MET D 1 9.26 -3.92 36.41
C MET D 1 9.24 -2.40 36.35
N ASP D 2 10.18 -1.83 35.62
CA ASP D 2 10.28 -0.38 35.48
C ASP D 2 9.95 0.05 34.06
N PHE D 3 9.34 1.22 33.94
CA PHE D 3 8.96 1.74 32.62
C PHE D 3 9.64 3.06 32.34
N VAL D 4 10.76 3.01 31.64
CA VAL D 4 11.53 4.19 31.30
C VAL D 4 11.52 4.38 29.79
N SER D 5 11.70 5.62 29.32
CA SER D 5 11.65 5.91 27.90
C SER D 5 13.03 6.00 27.27
N GLY D 6 13.10 5.73 25.96
CA GLY D 6 14.33 5.80 25.21
C GLY D 6 14.83 7.23 25.08
N ASP D 7 13.98 8.09 24.52
CA ASP D 7 14.29 9.51 24.40
C ASP D 7 13.26 10.35 25.16
N LYS D 8 13.76 11.25 26.00
CA LYS D 8 12.90 12.05 26.86
C LYS D 8 12.10 13.09 26.08
N ASP D 9 12.57 13.42 24.88
CA ASP D 9 11.93 14.45 24.07
C ASP D 9 10.80 13.90 23.21
N THR D 10 10.95 12.67 22.73
CA THR D 10 9.95 12.06 21.87
C THR D 10 8.88 11.34 22.69
N THR D 11 9.32 10.64 23.73
CA THR D 11 8.42 9.85 24.56
C THR D 11 8.58 10.18 26.05
N SER D 12 7.45 10.30 26.74
CA SER D 12 7.46 10.59 28.17
C SER D 12 6.61 9.57 28.92
N VAL D 13 7.25 8.84 29.84
CA VAL D 13 6.57 7.83 30.63
C VAL D 13 6.66 8.13 32.13
N THR D 14 5.50 8.27 32.77
CA THR D 14 5.48 8.58 34.20
C THR D 14 4.64 7.56 34.96
N VAL D 15 5.21 7.02 36.03
CA VAL D 15 4.50 6.07 36.88
C VAL D 15 4.10 6.70 38.21
N GLU D 16 2.81 6.74 38.48
CA GLU D 16 2.31 7.32 39.72
C GLU D 16 1.42 6.34 40.47
N SER D 17 1.08 6.65 41.71
CA SER D 17 0.24 5.76 42.51
C SER D 17 -0.90 6.52 43.18
N LYS D 18 -1.73 7.17 42.37
CA LYS D 18 -2.84 7.96 42.89
N ASN D 20 -3.83 7.32 46.69
CA ASN D 20 -4.51 6.06 46.96
C ASN D 20 -3.53 4.93 47.23
N GLY D 21 -4.06 3.72 47.42
CA GLY D 21 -3.24 2.56 47.68
C GLY D 21 -3.36 1.45 46.64
N LYS D 22 -2.23 0.81 46.36
CA LYS D 22 -2.17 -0.40 45.53
C LYS D 22 -2.44 -0.17 44.04
N ARG D 23 -2.93 1.01 43.69
CA ARG D 23 -3.21 1.32 42.30
C ARG D 23 -2.13 2.22 41.69
N THR D 24 -1.23 1.61 40.94
CA THR D 24 -0.14 2.33 40.29
C THR D 24 -0.37 2.46 38.78
N GLU D 25 -0.73 3.67 38.34
CA GLU D 25 -0.99 3.92 36.93
C GLU D 25 0.25 4.40 36.20
N VAL D 26 0.44 3.89 34.98
CA VAL D 26 1.55 4.27 34.13
C VAL D 26 1.07 5.07 32.92
N LYS D 27 1.34 6.37 32.94
CA LYS D 27 0.92 7.26 31.85
C LYS D 27 2.02 7.40 30.81
N ILE D 28 1.70 7.04 29.58
CA ILE D 28 2.64 7.15 28.46
C ILE D 28 2.14 8.16 27.42
N GLY D 29 2.86 9.27 27.30
CA GLY D 29 2.47 10.32 26.37
C GLY D 29 3.60 10.75 25.46
N ALA D 30 3.26 11.46 24.39
CA ALA D 30 4.26 11.96 23.45
C ALA D 30 4.41 13.48 23.55
N LYS D 31 5.60 13.92 23.96
CA LYS D 31 5.88 15.35 24.08
C LYS D 31 6.03 16.02 22.72
N THR D 32 5.13 16.96 22.43
CA THR D 32 5.15 17.64 21.14
C THR D 32 5.60 19.09 21.27
N SER D 33 6.31 19.59 20.25
CA SER D 33 6.77 20.97 20.22
C SER D 33 5.99 21.79 19.20
N VAL D 34 5.85 23.09 19.45
CA VAL D 34 5.12 23.97 18.55
C VAL D 34 6.06 24.69 17.58
N ILE D 35 5.64 24.80 16.33
CA ILE D 35 6.41 25.50 15.31
C ILE D 35 5.84 26.89 14.99
N LYS D 36 6.68 27.91 15.12
CA LYS D 36 6.26 29.27 14.80
C LYS D 36 6.88 29.74 13.50
N ASP D 37 6.56 30.96 13.08
CA ASP D 37 7.09 31.50 11.83
C ASP D 37 7.09 33.02 11.79
N HIS D 38 7.99 33.58 10.99
CA HIS D 38 8.09 35.02 10.82
C HIS D 38 8.68 35.37 9.46
N ASN D 39 8.05 36.31 8.77
CA ASN D 39 8.48 36.75 7.45
C ASN D 39 8.62 35.61 6.46
N GLY D 40 7.72 34.63 6.57
CA GLY D 40 7.70 33.49 5.68
C GLY D 40 8.73 32.42 6.02
N LYS D 41 9.51 32.64 7.08
CA LYS D 41 10.52 31.67 7.48
C LYS D 41 10.15 30.99 8.79
N LEU D 42 10.20 29.67 8.81
CA LEU D 42 9.82 28.89 9.98
C LEU D 42 10.88 28.95 11.08
N PHE D 43 10.44 29.19 12.30
CA PHE D 43 11.31 29.23 13.46
C PHE D 43 10.79 28.38 14.62
N THR D 44 11.72 27.93 15.46
CA THR D 44 11.38 27.23 16.69
C THR D 44 10.94 28.22 17.74
N GLY D 45 10.61 27.73 18.93
CA GLY D 45 10.20 28.60 20.02
C GLY D 45 11.31 29.50 20.51
N LYS D 46 12.46 28.91 20.83
CA LYS D 46 13.60 29.65 21.36
C LYS D 46 14.10 30.69 20.35
N GLU D 47 14.19 30.27 19.08
CA GLU D 47 14.65 31.14 18.02
C GLU D 47 13.75 32.35 17.85
N LEU D 48 12.44 32.10 17.75
CA LEU D 48 11.47 33.16 17.56
C LEU D 48 11.43 34.10 18.77
N LYS D 49 11.58 33.53 19.97
CA LYS D 49 11.53 34.32 21.20
C LYS D 49 12.76 35.20 21.37
N ASP D 50 13.92 34.69 20.98
CA ASP D 50 15.16 35.42 21.21
C ASP D 50 15.47 36.41 20.09
N ALA D 51 15.10 36.05 18.86
CA ALA D 51 15.45 36.85 17.69
C ALA D 51 14.45 37.98 17.41
N ASN D 52 13.16 37.72 17.62
CA ASN D 52 12.15 38.72 17.27
C ASN D 52 11.49 39.37 18.49
N ASN D 53 11.38 40.70 18.42
CA ASN D 53 10.79 41.49 19.49
C ASN D 53 9.57 42.27 19.01
N ASN D 54 9.61 42.68 17.75
CA ASN D 54 8.60 43.59 17.21
C ASN D 54 7.30 42.91 16.84
N GLY D 55 6.19 43.47 17.31
CA GLY D 55 4.85 43.04 16.92
C GLY D 55 4.45 41.62 17.26
N VAL D 56 5.32 40.90 17.98
CA VAL D 56 5.05 39.50 18.28
C VAL D 56 4.96 39.22 19.78
N THR D 57 3.95 38.45 20.18
CA THR D 57 3.77 38.06 21.56
C THR D 57 3.83 36.55 21.74
N VAL D 58 4.95 36.05 22.25
CA VAL D 58 5.12 34.62 22.48
C VAL D 58 5.12 34.32 23.97
N THR D 59 4.37 33.29 24.37
CA THR D 59 4.25 32.92 25.77
C THR D 59 5.54 32.35 26.36
N GLU D 60 5.62 32.32 27.68
CA GLU D 60 6.80 31.84 28.40
C GLU D 60 7.03 30.34 28.26
N THR D 61 5.95 29.57 28.20
CA THR D 61 6.05 28.12 28.06
C THR D 61 6.62 27.74 26.71
N ASP D 62 6.26 28.50 25.68
CA ASP D 62 6.77 28.29 24.34
C ASP D 62 8.18 28.87 24.20
N GLY D 63 8.53 29.78 25.11
CA GLY D 63 9.83 30.42 25.12
C GLY D 63 10.99 29.47 25.41
N LYS D 64 10.72 28.44 26.20
CA LYS D 64 11.75 27.46 26.55
C LYS D 64 11.79 26.32 25.54
N ASP D 65 10.82 26.31 24.63
CA ASP D 65 10.73 25.27 23.61
C ASP D 65 11.87 25.41 22.60
N GLU D 66 12.68 24.37 22.49
CA GLU D 66 13.81 24.38 21.56
C GLU D 66 13.51 23.55 20.31
N GLY D 67 12.27 23.09 20.20
CA GLY D 67 11.84 22.35 19.04
C GLY D 67 12.51 21.00 18.91
N ASN D 68 12.69 20.32 20.04
CA ASN D 68 13.30 18.99 20.05
C ASN D 68 12.25 17.88 20.11
N GLY D 69 11.01 18.27 20.39
CA GLY D 69 9.93 17.31 20.47
C GLY D 69 9.29 17.03 19.12
N LEU D 70 8.31 16.14 19.11
CA LEU D 70 7.62 15.77 17.88
C LEU D 70 6.63 16.86 17.46
N VAL D 71 6.00 16.66 16.30
CA VAL D 71 5.04 17.64 15.79
C VAL D 71 3.78 16.96 15.25
N THR D 72 2.65 17.65 15.39
CA THR D 72 1.38 17.14 14.89
C THR D 72 1.18 17.56 13.43
N ALA D 73 0.13 17.04 12.81
CA ALA D 73 -0.17 17.37 11.41
C ALA D 73 -0.62 18.81 11.26
N LYS D 74 -1.52 19.25 12.13
CA LYS D 74 -2.08 20.60 12.05
C LYS D 74 -1.01 21.67 12.21
N ALA D 75 -0.07 21.44 13.12
CA ALA D 75 1.01 22.39 13.37
C ALA D 75 1.89 22.56 12.14
N VAL D 76 2.30 21.43 11.55
CA VAL D 76 3.13 21.43 10.36
C VAL D 76 2.40 22.10 9.19
N ILE D 77 1.13 21.72 8.99
CA ILE D 77 0.32 22.27 7.93
C ILE D 77 0.19 23.79 8.04
N ASP D 78 -0.17 24.27 9.22
CA ASP D 78 -0.32 25.71 9.43
C ASP D 78 1.01 26.44 9.29
N ALA D 79 2.09 25.78 9.71
CA ALA D 79 3.42 26.38 9.66
C ALA D 79 3.85 26.57 8.20
N VAL D 80 3.68 25.53 7.39
CA VAL D 80 4.05 25.61 5.98
C VAL D 80 3.15 26.60 5.25
N ASN D 81 1.86 26.55 5.56
CA ASN D 81 0.88 27.44 4.94
C ASN D 81 1.06 28.89 5.35
N LYS D 82 1.85 29.13 6.40
CA LYS D 82 2.17 30.50 6.79
C LYS D 82 3.63 30.83 6.48
N ALA D 83 4.30 29.98 5.72
CA ALA D 83 5.70 30.17 5.37
C ALA D 83 5.90 30.37 3.87
N GLY D 84 6.93 31.13 3.50
CA GLY D 84 7.22 31.39 2.11
C GLY D 84 8.30 32.43 1.88
N TRP D 85 8.30 33.02 0.68
CA TRP D 85 9.33 33.98 0.29
C TRP D 85 8.76 35.39 0.12
N ARG D 86 9.55 36.40 0.49
CA ARG D 86 9.08 37.78 0.48
C ARG D 86 9.44 38.52 -0.82
N VAL D 87 8.52 39.36 -1.29
CA VAL D 87 8.73 40.13 -2.50
C VAL D 87 8.63 41.64 -2.23
N LYS D 88 9.46 42.42 -2.91
CA LYS D 88 9.45 43.87 -2.75
C LYS D 88 8.23 44.53 -3.40
N THR D 89 7.41 45.16 -2.58
CA THR D 89 6.23 45.87 -3.04
C THR D 89 6.54 47.36 -3.21
N THR D 90 6.15 47.91 -4.36
CA THR D 90 6.43 49.30 -4.69
C THR D 90 5.23 50.18 -4.39
N GLY D 91 5.17 50.72 -3.17
CA GLY D 91 4.09 51.59 -2.76
C GLY D 91 3.99 52.85 -3.59
CA ASP D 97 8.76 50.45 -0.86
C ASP D 97 8.80 49.54 0.37
N ASP D 98 7.85 48.63 0.45
CA ASP D 98 7.74 47.74 1.61
C ASP D 98 7.96 46.29 1.16
N PHE D 99 7.84 45.36 2.09
CA PHE D 99 7.94 43.94 1.75
C PHE D 99 6.60 43.22 1.94
N ALA D 100 6.36 42.21 1.10
CA ALA D 100 5.14 41.42 1.20
C ALA D 100 5.45 39.93 1.27
N THR D 101 4.84 39.24 2.23
CA THR D 101 5.10 37.81 2.41
C THR D 101 4.27 36.96 1.45
N VAL D 102 4.94 36.23 0.57
CA VAL D 102 4.27 35.29 -0.32
C VAL D 102 4.40 33.87 0.22
N ALA D 103 3.30 33.34 0.76
CA ALA D 103 3.31 31.99 1.32
C ALA D 103 2.91 30.96 0.28
N SER D 104 2.80 29.71 0.71
CA SER D 104 2.43 28.61 -0.19
C SER D 104 0.95 28.67 -0.53
N GLY D 105 0.63 28.58 -1.81
CA GLY D 105 -0.75 28.61 -2.26
C GLY D 105 -1.16 30.00 -2.71
N THR D 106 -0.29 30.97 -2.47
CA THR D 106 -0.56 32.36 -2.84
C THR D 106 -0.36 32.58 -4.33
N ASN D 107 -1.34 33.22 -4.96
CA ASN D 107 -1.30 33.47 -6.39
C ASN D 107 -0.42 34.65 -6.77
N VAL D 108 0.54 34.41 -7.66
CA VAL D 108 1.40 35.47 -8.19
C VAL D 108 1.16 35.63 -9.69
N THR D 109 0.55 36.75 -10.06
CA THR D 109 0.19 36.98 -11.46
C THR D 109 1.18 37.92 -12.15
N PHE D 110 1.86 37.41 -13.17
CA PHE D 110 2.75 38.24 -13.98
C PHE D 110 1.97 38.93 -15.10
N ALA D 111 1.50 40.14 -14.80
CA ALA D 111 0.72 40.90 -15.77
C ALA D 111 1.62 41.83 -16.57
N ASP D 112 1.10 42.34 -17.68
CA ASP D 112 1.86 43.27 -18.51
C ASP D 112 1.48 44.71 -18.19
N GLY D 113 2.38 45.63 -18.51
CA GLY D 113 2.16 47.03 -18.21
C GLY D 113 2.30 47.93 -19.42
N ASN D 114 3.11 48.97 -19.28
CA ASN D 114 3.30 49.93 -20.36
C ASN D 114 4.23 49.44 -21.45
N GLY D 115 3.66 49.16 -22.63
CA GLY D 115 4.44 48.76 -23.78
C GLY D 115 5.11 47.40 -23.64
N THR D 116 4.62 46.60 -22.70
CA THR D 116 5.19 45.28 -22.44
C THR D 116 4.16 44.18 -22.61
N THR D 117 4.65 42.96 -22.86
CA THR D 117 3.79 41.81 -23.02
C THR D 117 4.30 40.62 -22.22
N ALA D 118 3.58 40.27 -21.17
CA ALA D 118 3.97 39.18 -20.28
C ALA D 118 3.68 37.82 -20.92
N GLU D 119 4.64 36.91 -20.82
CA GLU D 119 4.47 35.57 -21.34
C GLU D 119 4.99 34.51 -20.38
N VAL D 120 4.09 33.89 -19.64
CA VAL D 120 4.44 32.84 -18.69
C VAL D 120 3.99 31.48 -19.21
N THR D 121 4.94 30.58 -19.41
CA THR D 121 4.63 29.27 -19.97
C THR D 121 5.00 28.14 -19.02
N LYS D 122 4.25 27.05 -19.10
CA LYS D 122 4.51 25.87 -18.27
C LYS D 122 4.83 24.67 -19.15
N ALA D 123 6.04 24.13 -18.98
CA ALA D 123 6.47 22.97 -19.74
C ALA D 123 5.84 21.69 -19.21
N ASN D 124 6.07 20.58 -19.91
CA ASN D 124 5.57 19.28 -19.48
C ASN D 124 6.30 18.80 -18.22
N ASP D 125 7.49 19.33 -17.99
CA ASP D 125 8.27 18.99 -16.82
C ASP D 125 7.75 19.73 -15.58
N GLY D 126 6.86 20.69 -15.80
CA GLY D 126 6.30 21.48 -14.74
C GLY D 126 7.09 22.75 -14.49
N SER D 127 8.26 22.83 -15.11
CA SER D 127 9.13 24.00 -14.98
C SER D 127 8.50 25.22 -15.63
N ILE D 128 8.48 26.33 -14.89
CA ILE D 128 7.87 27.56 -15.38
C ILE D 128 8.89 28.47 -16.06
N THR D 129 8.57 28.93 -17.25
CA THR D 129 9.43 29.86 -17.98
C THR D 129 8.72 31.18 -18.20
N VAL D 130 9.23 32.23 -17.55
CA VAL D 130 8.64 33.56 -17.65
C VAL D 130 9.49 34.50 -18.51
N LYS D 131 8.87 35.08 -19.53
CA LYS D 131 9.58 35.98 -20.44
C LYS D 131 8.74 37.22 -20.76
N TYR D 132 9.38 38.38 -20.75
CA TYR D 132 8.72 39.63 -21.10
C TYR D 132 9.09 40.09 -22.51
N ASN D 133 8.10 40.60 -23.23
CA ASN D 133 8.26 41.06 -24.59
C ASN D 133 7.96 42.55 -24.70
N VAL D 134 8.34 43.16 -25.82
CA VAL D 134 8.05 44.57 -26.04
C VAL D 134 7.00 44.77 -27.13
N LYS D 135 6.39 45.95 -27.13
CA LYS D 135 5.36 46.29 -28.09
C LYS D 135 5.81 47.42 -29.01
N MET E 1 1.95 -11.14 31.06
CA MET E 1 1.85 -9.81 30.47
C MET E 1 2.90 -9.63 29.36
N ASP E 2 2.42 -9.27 28.17
CA ASP E 2 3.30 -9.05 27.03
C ASP E 2 3.31 -7.58 26.64
N PHE E 3 4.47 -7.09 26.19
CA PHE E 3 4.61 -5.69 25.79
C PHE E 3 5.07 -5.55 24.35
N VAL E 4 4.11 -5.34 23.45
CA VAL E 4 4.40 -5.19 22.02
C VAL E 4 4.04 -3.79 21.53
N SER E 5 4.69 -3.35 20.45
CA SER E 5 4.44 -2.02 19.92
C SER E 5 3.48 -2.07 18.73
N GLY E 6 2.77 -0.97 18.50
CA GLY E 6 1.81 -0.89 17.43
C GLY E 6 2.43 -0.89 16.04
N ASP E 7 3.28 0.09 15.78
CA ASP E 7 4.00 0.18 14.52
C ASP E 7 5.50 0.14 14.76
N LYS E 8 6.20 -0.74 14.05
CA LYS E 8 7.63 -0.93 14.25
C LYS E 8 8.48 0.26 13.79
N ASP E 9 7.93 1.07 12.90
CA ASP E 9 8.67 2.20 12.35
C ASP E 9 8.51 3.46 13.20
N THR E 10 7.32 3.65 13.76
CA THR E 10 7.02 4.83 14.56
C THR E 10 7.37 4.63 16.03
N THR E 11 7.07 3.45 16.55
CA THR E 11 7.26 3.16 17.97
C THR E 11 8.09 1.89 18.20
N SER E 12 9.03 1.96 19.14
CA SER E 12 9.87 0.82 19.46
C SER E 12 9.83 0.52 20.96
N VAL E 13 9.39 -0.68 21.31
CA VAL E 13 9.32 -1.09 22.71
C VAL E 13 10.20 -2.32 22.93
N THR E 14 11.19 -2.18 23.82
CA THR E 14 12.12 -3.27 24.09
C THR E 14 12.19 -3.63 25.57
N VAL E 15 12.10 -4.92 25.86
CA VAL E 15 12.16 -5.42 27.22
C VAL E 15 13.49 -6.09 27.53
N GLU E 16 14.20 -5.60 28.55
CA GLU E 16 15.48 -6.18 28.92
C GLU E 16 15.48 -6.60 30.39
N SER E 17 16.48 -7.39 30.77
CA SER E 17 16.58 -7.90 32.13
C SER E 17 17.97 -7.70 32.73
N LYS E 18 18.42 -6.46 32.80
CA LYS E 18 19.74 -6.14 33.33
C LYS E 18 19.83 -6.46 34.83
N GLY E 21 19.99 -11.04 36.71
CA GLY E 21 18.96 -10.09 36.35
C GLY E 21 17.58 -10.51 36.84
N LYS E 22 17.18 -9.94 37.97
CA LYS E 22 15.83 -10.12 38.50
C LYS E 22 14.98 -8.88 38.23
N ARG E 23 15.65 -7.82 37.82
CA ARG E 23 14.99 -6.55 37.51
C ARG E 23 14.87 -6.37 36.01
N THR E 24 13.65 -6.53 35.49
CA THR E 24 13.41 -6.43 34.06
C THR E 24 12.79 -5.09 33.68
N GLU E 25 13.60 -4.24 33.05
CA GLU E 25 13.19 -2.90 32.66
C GLU E 25 12.65 -2.87 31.23
N VAL E 26 11.60 -2.07 31.02
CA VAL E 26 10.99 -1.90 29.71
C VAL E 26 11.23 -0.52 29.14
N LYS E 27 12.09 -0.44 28.13
CA LYS E 27 12.44 0.81 27.47
C LYS E 27 11.53 1.08 26.27
N ILE E 28 10.83 2.20 26.32
CA ILE E 28 9.92 2.60 25.24
C ILE E 28 10.38 3.89 24.56
N GLY E 29 10.79 3.78 23.29
CA GLY E 29 11.26 4.93 22.55
C GLY E 29 10.57 5.09 21.22
N ALA E 30 10.73 6.27 20.61
CA ALA E 30 10.12 6.54 19.31
C ALA E 30 11.17 6.61 18.21
N LYS E 31 11.09 5.68 17.26
CA LYS E 31 12.04 5.65 16.14
C LYS E 31 11.77 6.80 15.17
N THR E 32 12.75 7.68 15.03
CA THR E 32 12.60 8.85 14.17
C THR E 32 13.44 8.75 12.91
N SER E 33 12.94 9.32 11.82
CA SER E 33 13.66 9.34 10.55
C SER E 33 14.17 10.74 10.25
N VAL E 34 15.27 10.81 9.52
CA VAL E 34 15.88 12.10 9.17
C VAL E 34 15.41 12.57 7.81
N ILE E 35 15.18 13.88 7.69
CA ILE E 35 14.74 14.46 6.42
C ILE E 35 15.89 15.15 5.70
N LYS E 36 16.14 14.75 4.46
CA LYS E 36 17.18 15.36 3.65
C LYS E 36 16.57 16.27 2.61
N ASP E 37 17.41 16.95 1.84
CA ASP E 37 16.94 17.86 0.81
C ASP E 37 18.01 18.08 -0.26
N HIS E 38 17.56 18.37 -1.47
CA HIS E 38 18.47 18.67 -2.57
C HIS E 38 17.75 19.54 -3.60
N ASN E 39 18.44 20.60 -4.04
CA ASN E 39 17.89 21.54 -5.01
C ASN E 39 16.54 22.11 -4.60
N GLY E 40 16.36 22.33 -3.31
CA GLY E 40 15.14 22.90 -2.78
C GLY E 40 14.00 21.90 -2.65
N LYS E 41 14.26 20.65 -3.02
CA LYS E 41 13.25 19.60 -2.94
C LYS E 41 13.58 18.60 -1.84
N LEU E 42 12.60 18.31 -0.98
CA LEU E 42 12.81 17.42 0.14
C LEU E 42 12.90 15.96 -0.29
N PHE E 43 13.90 15.26 0.22
CA PHE E 43 14.09 13.84 -0.09
C PHE E 43 14.29 13.02 1.19
N THR E 44 13.96 11.73 1.11
CA THR E 44 14.23 10.82 2.21
C THR E 44 15.70 10.43 2.22
N GLY E 45 16.09 9.61 3.20
CA GLY E 45 17.46 9.16 3.29
C GLY E 45 17.87 8.21 2.17
N LYS E 46 17.08 7.16 1.98
CA LYS E 46 17.36 6.14 0.97
C LYS E 46 17.36 6.70 -0.45
N GLU E 47 16.36 7.52 -0.76
CA GLU E 47 16.24 8.11 -2.08
C GLU E 47 17.42 9.01 -2.42
N LEU E 48 17.74 9.94 -1.51
CA LEU E 48 18.83 10.88 -1.72
C LEU E 48 20.18 10.17 -1.76
N LYS E 49 20.35 9.16 -0.91
CA LYS E 49 21.62 8.45 -0.83
C LYS E 49 21.86 7.57 -2.06
N ASP E 50 20.80 6.95 -2.56
CA ASP E 50 20.93 5.99 -3.66
C ASP E 50 20.90 6.66 -5.03
N ALA E 51 20.09 7.70 -5.19
CA ALA E 51 19.93 8.32 -6.49
C ALA E 51 21.00 9.38 -6.75
N ASN E 52 21.34 10.16 -5.73
CA ASN E 52 22.32 11.22 -5.90
C ASN E 52 23.62 10.91 -5.15
N ASN E 53 24.74 11.12 -5.82
CA ASN E 53 26.05 10.81 -5.27
C ASN E 53 26.97 12.03 -5.17
N ASN E 54 26.76 13.00 -6.05
CA ASN E 54 27.69 14.11 -6.20
C ASN E 54 27.55 15.16 -5.11
N GLY E 55 28.70 15.55 -4.55
CA GLY E 55 28.78 16.63 -3.58
C GLY E 55 28.07 16.36 -2.25
N VAL E 56 27.57 15.15 -2.07
CA VAL E 56 26.79 14.80 -0.88
C VAL E 56 27.45 13.67 -0.08
N THR E 57 27.48 13.82 1.24
CA THR E 57 28.03 12.81 2.12
C THR E 57 26.95 12.28 3.06
N VAL E 58 26.46 11.07 2.78
CA VAL E 58 25.42 10.45 3.59
C VAL E 58 25.96 9.30 4.43
N THR E 59 25.62 9.30 5.71
CA THR E 59 26.06 8.27 6.64
C THR E 59 25.38 6.94 6.35
N GLU E 60 25.94 5.86 6.91
CA GLU E 60 25.40 4.52 6.69
C GLU E 60 24.03 4.34 7.35
N THR E 61 23.85 4.97 8.50
CA THR E 61 22.59 4.89 9.23
C THR E 61 21.47 5.61 8.48
N ASP E 62 21.81 6.73 7.84
CA ASP E 62 20.85 7.48 7.05
C ASP E 62 20.63 6.84 5.68
N GLY E 63 21.60 6.05 5.23
CA GLY E 63 21.52 5.37 3.96
C GLY E 63 20.43 4.30 3.94
N LYS E 64 20.19 3.70 5.10
CA LYS E 64 19.16 2.67 5.21
C LYS E 64 17.82 3.27 5.60
N ASP E 65 17.82 4.56 5.92
CA ASP E 65 16.61 5.25 6.33
C ASP E 65 15.65 5.39 5.15
N GLU E 66 14.46 4.82 5.30
CA GLU E 66 13.45 4.86 4.24
C GLU E 66 12.37 5.89 4.57
N GLY E 67 12.60 6.65 5.63
CA GLY E 67 11.69 7.73 6.01
C GLY E 67 10.33 7.25 6.48
N ASN E 68 10.31 6.15 7.22
CA ASN E 68 9.06 5.61 7.74
C ASN E 68 8.80 6.01 9.19
N GLY E 69 9.82 6.56 9.84
CA GLY E 69 9.70 6.97 11.22
C GLY E 69 9.16 8.39 11.37
N LEU E 70 9.00 8.81 12.61
CA LEU E 70 8.48 10.15 12.91
C LEU E 70 9.56 11.22 12.72
N VAL E 71 9.18 12.48 12.89
CA VAL E 71 10.12 13.59 12.73
C VAL E 71 9.95 14.61 13.85
N THR E 72 11.05 15.23 14.24
CA THR E 72 11.03 16.25 15.29
C THR E 72 10.76 17.63 14.70
N ALA E 73 10.60 18.62 15.58
CA ALA E 73 10.32 19.98 15.15
C ALA E 73 11.55 20.57 14.45
N LYS E 74 12.72 20.34 15.03
CA LYS E 74 13.97 20.86 14.48
C LYS E 74 14.21 20.31 13.07
N ALA E 75 13.87 19.05 12.87
CA ALA E 75 14.03 18.40 11.58
C ALA E 75 13.19 19.11 10.52
N VAL E 76 11.92 19.36 10.87
CA VAL E 76 11.01 20.07 9.98
C VAL E 76 11.51 21.47 9.68
N ILE E 77 11.92 22.19 10.73
CA ILE E 77 12.43 23.54 10.60
C ILE E 77 13.63 23.62 9.65
N ASP E 78 14.61 22.77 9.89
CA ASP E 78 15.81 22.74 9.06
C ASP E 78 15.51 22.29 7.63
N ALA E 79 14.55 21.38 7.49
CA ALA E 79 14.19 20.88 6.16
C ALA E 79 13.50 21.93 5.31
N VAL E 80 12.49 22.59 5.88
CA VAL E 80 11.73 23.60 5.16
C VAL E 80 12.54 24.87 4.86
N ASN E 81 13.29 25.34 5.85
CA ASN E 81 14.07 26.56 5.68
C ASN E 81 15.22 26.41 4.69
N LYS E 82 15.55 25.16 4.36
CA LYS E 82 16.56 24.89 3.34
C LYS E 82 15.92 24.32 2.07
N ALA E 83 14.60 24.40 1.99
CA ALA E 83 13.85 23.91 0.84
C ALA E 83 13.14 25.05 0.13
N GLY E 84 12.98 24.92 -1.18
CA GLY E 84 12.32 25.93 -1.98
C GLY E 84 12.40 25.67 -3.47
N TRP E 85 12.27 26.73 -4.25
CA TRP E 85 12.26 26.62 -5.71
C TRP E 85 13.52 27.25 -6.32
N ARG E 86 14.01 26.66 -7.39
CA ARG E 86 15.23 27.13 -8.02
C ARG E 86 14.93 28.11 -9.14
N VAL E 87 15.74 29.15 -9.26
CA VAL E 87 15.57 30.17 -10.29
C VAL E 87 16.82 30.22 -11.16
N LYS E 88 16.64 30.42 -12.46
CA LYS E 88 17.78 30.53 -13.37
C LYS E 88 18.49 31.86 -13.15
N THR E 89 19.74 31.78 -12.70
CA THR E 89 20.55 32.97 -12.48
C THR E 89 21.44 33.25 -13.69
N THR E 90 21.48 34.50 -14.13
CA THR E 90 22.28 34.86 -15.29
C THR E 90 23.63 35.45 -14.87
N GLY E 91 24.61 34.57 -14.70
CA GLY E 91 25.95 34.99 -14.33
C GLY E 91 27.04 34.23 -15.06
N ALA E 92 28.20 34.11 -14.42
CA ALA E 92 29.34 33.36 -14.96
C ALA E 92 29.71 33.78 -16.38
N ASN E 96 28.63 27.94 -18.49
CA ASN E 96 27.97 29.23 -18.36
C ASN E 96 27.31 29.40 -16.98
N ASP E 97 26.16 30.06 -16.97
CA ASP E 97 25.42 30.31 -15.74
C ASP E 97 24.54 29.12 -15.36
N ASP E 98 24.31 28.92 -14.08
CA ASP E 98 23.53 27.77 -13.64
C ASP E 98 22.22 28.15 -12.94
N PHE E 99 21.94 27.48 -11.83
CA PHE E 99 20.74 27.72 -11.02
C PHE E 99 21.04 28.23 -9.63
N ALA E 100 20.12 28.99 -9.06
CA ALA E 100 20.25 29.46 -7.68
C ALA E 100 19.01 29.04 -6.87
N THR E 101 19.26 28.44 -5.71
CA THR E 101 18.18 27.92 -4.88
C THR E 101 17.53 29.01 -4.02
N VAL E 102 16.24 29.22 -4.24
CA VAL E 102 15.47 30.15 -3.42
C VAL E 102 14.68 29.40 -2.36
N ALA E 103 15.16 29.49 -1.12
CA ALA E 103 14.52 28.80 0.01
C ALA E 103 13.50 29.71 0.69
N SER E 104 12.92 29.22 1.78
CA SER E 104 11.93 29.97 2.54
C SER E 104 12.56 31.09 3.34
N GLY E 105 12.00 32.29 3.24
CA GLY E 105 12.48 33.44 3.97
C GLY E 105 13.43 34.31 3.17
N THR E 106 13.81 33.85 1.99
CA THR E 106 14.72 34.59 1.13
C THR E 106 13.99 35.73 0.42
N ASN E 107 14.57 36.93 0.48
CA ASN E 107 13.97 38.10 -0.13
C ASN E 107 14.25 38.17 -1.63
N VAL E 108 13.19 38.27 -2.43
CA VAL E 108 13.33 38.41 -3.87
C VAL E 108 12.79 39.76 -4.33
N THR E 109 13.69 40.65 -4.72
CA THR E 109 13.32 42.00 -5.12
C THR E 109 13.28 42.15 -6.63
N PHE E 110 12.11 42.47 -7.17
CA PHE E 110 11.96 42.74 -8.59
C PHE E 110 12.32 44.19 -8.89
N ALA E 111 13.58 44.42 -9.24
CA ALA E 111 14.08 45.75 -9.51
C ALA E 111 13.99 46.07 -11.00
N ASP E 112 14.13 47.35 -11.33
CA ASP E 112 14.08 47.80 -12.72
C ASP E 112 15.49 47.96 -13.29
N GLY E 113 15.59 47.91 -14.61
CA GLY E 113 16.88 48.00 -15.28
C GLY E 113 16.95 49.08 -16.33
N ASN E 114 17.39 48.71 -17.52
CA ASN E 114 17.56 49.68 -18.60
C ASN E 114 16.25 50.05 -19.28
N GLY E 115 15.82 51.30 -19.06
CA GLY E 115 14.62 51.81 -19.70
C GLY E 115 13.35 51.14 -19.21
N THR E 116 13.43 50.49 -18.05
CA THR E 116 12.29 49.78 -17.49
C THR E 116 11.92 50.31 -16.10
N THR E 117 10.68 50.08 -15.72
CA THR E 117 10.18 50.50 -14.41
C THR E 117 9.41 49.36 -13.75
N ALA E 118 9.98 48.80 -12.69
CA ALA E 118 9.38 47.66 -12.00
C ALA E 118 8.21 48.11 -11.13
N GLU E 119 7.10 47.39 -11.21
CA GLU E 119 5.93 47.69 -10.40
C GLU E 119 5.29 46.43 -9.83
N VAL E 120 5.58 46.14 -8.57
CA VAL E 120 5.01 44.99 -7.89
C VAL E 120 4.00 45.44 -6.84
N THR E 121 2.74 45.01 -7.00
CA THR E 121 1.69 45.42 -6.09
C THR E 121 1.05 44.23 -5.37
N LYS E 122 0.58 44.46 -4.15
CA LYS E 122 -0.07 43.43 -3.36
C LYS E 122 -1.51 43.80 -3.03
N ALA E 123 -2.45 42.97 -3.46
CA ALA E 123 -3.86 43.21 -3.19
C ALA E 123 -4.20 42.86 -1.74
N ASN E 124 -5.43 43.16 -1.33
CA ASN E 124 -5.89 42.85 0.01
C ASN E 124 -6.06 41.35 0.22
N ASP E 125 -6.24 40.62 -0.88
CA ASP E 125 -6.36 39.17 -0.84
C ASP E 125 -5.01 38.50 -0.66
N GLY E 126 -3.94 39.28 -0.79
CA GLY E 126 -2.60 38.75 -0.68
C GLY E 126 -2.00 38.38 -2.03
N SER E 127 -2.85 38.41 -3.07
CA SER E 127 -2.40 38.08 -4.42
C SER E 127 -1.40 39.12 -4.94
N ILE E 128 -0.29 38.63 -5.46
CA ILE E 128 0.78 39.49 -5.95
C ILE E 128 0.67 39.73 -7.46
N THR E 129 0.71 41.00 -7.85
CA THR E 129 0.69 41.35 -9.26
C THR E 129 1.97 42.07 -9.65
N VAL E 130 2.78 41.42 -10.50
CA VAL E 130 4.04 41.99 -10.95
C VAL E 130 3.94 42.46 -12.40
N LYS E 131 4.24 43.73 -12.63
CA LYS E 131 4.15 44.32 -13.95
C LYS E 131 5.35 45.22 -14.26
N TYR E 132 5.86 45.10 -15.49
CA TYR E 132 6.97 45.95 -15.94
C TYR E 132 6.47 47.06 -16.87
N ASN E 133 7.00 48.25 -16.67
CA ASN E 133 6.61 49.42 -17.44
C ASN E 133 7.79 49.98 -18.22
N VAL E 134 7.50 50.85 -19.19
CA VAL E 134 8.55 51.53 -19.93
C VAL E 134 8.56 53.02 -19.61
N LYS E 135 9.76 53.57 -19.42
CA LYS E 135 9.94 54.98 -19.10
C LYS E 135 11.24 55.44 -19.71
N VAL E 136 11.13 56.27 -20.75
CA VAL E 136 12.28 56.74 -21.50
C VAL E 136 12.36 58.27 -21.56
N ALA E 137 13.20 58.85 -20.70
CA ALA E 137 13.37 60.30 -20.67
C ALA E 137 14.56 60.73 -21.52
N MET F 1 -1.79 -2.10 37.69
CA MET F 1 -1.04 -1.31 36.72
C MET F 1 -1.95 -0.83 35.58
N ASP F 2 -1.96 0.47 35.35
CA ASP F 2 -2.77 1.05 34.28
C ASP F 2 -1.87 1.61 33.19
N PHE F 3 -2.29 1.46 31.94
CA PHE F 3 -1.51 1.97 30.83
C PHE F 3 -2.32 2.94 30.00
N VAL F 4 -2.59 4.11 30.57
CA VAL F 4 -3.37 5.13 29.88
C VAL F 4 -2.41 6.08 29.18
N SER F 5 -2.89 6.73 28.13
CA SER F 5 -2.04 7.63 27.36
C SER F 5 -2.27 9.08 27.75
N GLY F 6 -1.26 9.91 27.53
CA GLY F 6 -1.34 11.32 27.85
C GLY F 6 -2.36 12.01 26.97
N ASP F 7 -2.16 11.89 25.66
CA ASP F 7 -3.10 12.44 24.69
C ASP F 7 -3.65 11.32 23.82
N LYS F 8 -4.98 11.27 23.70
CA LYS F 8 -5.64 10.21 22.96
C LYS F 8 -5.39 10.30 21.47
N ASP F 9 -5.01 11.49 21.00
CA ASP F 9 -4.79 11.73 19.58
C ASP F 9 -3.36 11.41 19.17
N THR F 10 -2.41 11.67 20.07
CA THR F 10 -0.99 11.45 19.77
C THR F 10 -0.54 10.03 20.11
N THR F 11 -1.00 9.51 21.24
CA THR F 11 -0.58 8.19 21.69
C THR F 11 -1.77 7.30 22.00
N SER F 12 -1.70 6.05 21.55
CA SER F 12 -2.77 5.09 21.83
C SER F 12 -2.23 3.80 22.42
N VAL F 13 -2.64 3.51 23.65
CA VAL F 13 -2.21 2.28 24.34
C VAL F 13 -3.41 1.43 24.73
N THR F 14 -3.47 0.20 24.21
CA THR F 14 -4.58 -0.70 24.52
C THR F 14 -4.07 -2.03 25.06
N VAL F 15 -4.63 -2.45 26.20
CA VAL F 15 -4.25 -3.72 26.81
C VAL F 15 -5.34 -4.77 26.65
N GLU F 16 -5.02 -5.89 26.02
CA GLU F 16 -6.00 -6.96 25.84
C GLU F 16 -5.49 -8.29 26.36
N SER F 17 -6.40 -9.25 26.53
CA SER F 17 -6.04 -10.57 27.02
C SER F 17 -6.68 -11.66 26.15
N LYS F 18 -6.35 -11.66 24.86
CA LYS F 18 -6.92 -12.61 23.92
C LYS F 18 -6.50 -14.05 24.19
N ASP F 19 -7.22 -14.72 25.08
CA ASP F 19 -7.02 -16.13 25.35
C ASP F 19 -8.20 -16.72 26.12
N THR F 24 -1.69 -12.09 27.87
CA THR F 24 -2.15 -10.71 27.94
C THR F 24 -1.18 -9.78 27.23
N GLU F 25 -1.58 -9.31 26.04
CA GLU F 25 -0.74 -8.42 25.24
C GLU F 25 -1.05 -6.95 25.49
N VAL F 26 0.00 -6.14 25.57
CA VAL F 26 -0.14 -4.69 25.71
C VAL F 26 0.36 -4.01 24.44
N LYS F 27 -0.57 -3.49 23.64
CA LYS F 27 -0.22 -2.84 22.39
C LYS F 27 -0.05 -1.33 22.58
N ILE F 28 1.14 -0.84 22.28
CA ILE F 28 1.44 0.59 22.38
C ILE F 28 1.79 1.16 21.00
N GLY F 29 0.92 2.01 20.48
CA GLY F 29 1.13 2.60 19.18
C GLY F 29 0.96 4.10 19.18
N ALA F 30 1.46 4.75 18.12
CA ALA F 30 1.33 6.18 17.97
C ALA F 30 0.36 6.50 16.83
N LYS F 31 -0.77 7.13 17.17
CA LYS F 31 -1.76 7.47 16.16
C LYS F 31 -1.26 8.62 15.27
N THR F 32 -1.10 8.34 13.99
CA THR F 32 -0.58 9.33 13.05
C THR F 32 -1.68 9.81 12.10
N SER F 33 -1.61 11.08 11.73
CA SER F 33 -2.55 11.67 10.80
C SER F 33 -1.89 11.96 9.45
N VAL F 34 -2.68 11.92 8.39
CA VAL F 34 -2.17 12.15 7.05
C VAL F 34 -2.34 13.61 6.62
N ILE F 35 -1.34 14.15 5.92
CA ILE F 35 -1.40 15.52 5.42
C ILE F 35 -1.73 15.54 3.93
N LYS F 36 -2.79 16.27 3.58
CA LYS F 36 -3.19 16.40 2.19
C LYS F 36 -2.85 17.78 1.65
N ASP F 37 -3.15 18.02 0.37
CA ASP F 37 -2.86 19.31 -0.24
C ASP F 37 -3.72 19.61 -1.46
N HIS F 38 -3.92 20.89 -1.73
CA HIS F 38 -4.67 21.35 -2.88
C HIS F 38 -4.21 22.75 -3.29
N ASN F 39 -3.96 22.93 -4.59
CA ASN F 39 -3.48 24.19 -5.13
C ASN F 39 -2.23 24.72 -4.44
N GLY F 40 -1.35 23.81 -4.04
CA GLY F 40 -0.10 24.19 -3.40
C GLY F 40 -0.26 24.54 -1.93
N LYS F 41 -1.48 24.45 -1.43
CA LYS F 41 -1.77 24.75 -0.03
C LYS F 41 -2.11 23.48 0.74
N LEU F 42 -1.44 23.28 1.87
CA LEU F 42 -1.65 22.08 2.67
C LEU F 42 -2.98 22.10 3.42
N PHE F 43 -3.70 20.99 3.34
CA PHE F 43 -4.97 20.84 4.04
C PHE F 43 -5.00 19.54 4.82
N THR F 44 -5.82 19.50 5.87
CA THR F 44 -6.04 18.27 6.61
C THR F 44 -7.03 17.41 5.83
N GLY F 45 -7.35 16.24 6.36
CA GLY F 45 -8.31 15.37 5.71
C GLY F 45 -9.70 15.98 5.75
N LYS F 46 -10.12 16.39 6.95
CA LYS F 46 -11.44 16.98 7.14
C LYS F 46 -11.62 18.26 6.34
N GLU F 47 -10.59 19.10 6.32
CA GLU F 47 -10.64 20.36 5.59
C GLU F 47 -10.83 20.13 4.09
N LEU F 48 -10.00 19.26 3.51
CA LEU F 48 -10.07 18.97 2.09
C LEU F 48 -11.38 18.30 1.72
N LYS F 49 -11.86 17.42 2.60
CA LYS F 49 -13.09 16.67 2.35
C LYS F 49 -14.32 17.56 2.43
N ASP F 50 -14.32 18.51 3.36
CA ASP F 50 -15.49 19.34 3.59
C ASP F 50 -15.54 20.59 2.71
N ALA F 51 -14.38 21.18 2.43
CA ALA F 51 -14.35 22.42 1.67
C ALA F 51 -14.38 22.18 0.16
N ASN F 52 -13.65 21.19 -0.30
CA ASN F 52 -13.59 20.90 -1.73
C ASN F 52 -14.30 19.58 -2.05
N ASN F 53 -15.11 19.60 -3.10
CA ASN F 53 -15.89 18.43 -3.50
C ASN F 53 -15.55 17.96 -4.90
N ASN F 54 -15.19 18.91 -5.76
CA ASN F 54 -15.00 18.64 -7.18
C ASN F 54 -13.63 18.01 -7.46
N GLY F 55 -13.65 16.95 -8.27
CA GLY F 55 -12.43 16.31 -8.73
C GLY F 55 -11.53 15.68 -7.68
N VAL F 56 -12.01 15.61 -6.44
CA VAL F 56 -11.21 15.10 -5.33
C VAL F 56 -11.83 13.85 -4.69
N THR F 57 -10.98 12.86 -4.43
CA THR F 57 -11.44 11.63 -3.79
C THR F 57 -10.75 11.42 -2.43
N VAL F 58 -11.48 11.70 -1.36
CA VAL F 58 -10.97 11.53 -0.01
C VAL F 58 -11.68 10.36 0.67
N THR F 59 -10.92 9.47 1.29
CA THR F 59 -11.49 8.31 1.96
C THR F 59 -12.24 8.73 3.22
N GLU F 60 -13.08 7.83 3.73
CA GLU F 60 -13.88 8.10 4.91
C GLU F 60 -13.02 8.23 6.17
N THR F 61 -11.97 7.42 6.24
CA THR F 61 -11.06 7.44 7.38
C THR F 61 -10.28 8.75 7.41
N ASP F 62 -9.91 9.24 6.24
CA ASP F 62 -9.21 10.52 6.13
C ASP F 62 -10.21 11.66 6.25
N GLY F 63 -11.47 11.37 5.97
CA GLY F 63 -12.51 12.37 6.05
C GLY F 63 -12.74 12.78 7.50
N LYS F 64 -12.52 11.83 8.41
CA LYS F 64 -12.67 12.09 9.83
C LYS F 64 -11.36 12.55 10.44
N ASP F 65 -10.29 12.48 9.65
CA ASP F 65 -8.97 12.89 10.10
C ASP F 65 -8.93 14.41 10.26
N GLU F 66 -8.67 14.87 11.48
CA GLU F 66 -8.62 16.30 11.76
C GLU F 66 -7.17 16.78 11.90
N GLY F 67 -6.23 15.89 11.64
CA GLY F 67 -4.81 16.24 11.66
C GLY F 67 -4.28 16.58 13.05
N ASN F 68 -4.75 15.86 14.06
CA ASN F 68 -4.29 16.09 15.42
C ASN F 68 -3.21 15.11 15.84
N GLY F 69 -3.00 14.07 15.04
CA GLY F 69 -2.01 13.06 15.34
C GLY F 69 -0.64 13.44 14.83
N LEU F 70 0.34 12.59 15.08
CA LEU F 70 1.71 12.84 14.66
C LEU F 70 1.87 12.60 13.16
N VAL F 71 3.06 12.90 12.65
CA VAL F 71 3.32 12.72 11.21
C VAL F 71 4.67 12.07 10.95
N THR F 72 4.73 11.27 9.89
CA THR F 72 5.96 10.62 9.48
C THR F 72 6.77 11.53 8.54
N ALA F 73 7.95 11.08 8.18
CA ALA F 73 8.82 11.85 7.29
C ALA F 73 8.22 11.90 5.88
N LYS F 74 7.73 10.76 5.41
CA LYS F 74 7.16 10.65 4.08
C LYS F 74 5.95 11.58 3.89
N ALA F 75 5.12 11.69 4.92
CA ALA F 75 3.94 12.55 4.86
C ALA F 75 4.33 14.01 4.69
N VAL F 76 5.26 14.47 5.51
CA VAL F 76 5.74 15.85 5.45
C VAL F 76 6.42 16.15 4.12
N ILE F 77 7.32 15.25 3.70
CA ILE F 77 8.03 15.40 2.44
C ILE F 77 7.08 15.49 1.26
N ASP F 78 6.14 14.56 1.17
CA ASP F 78 5.17 14.56 0.08
C ASP F 78 4.28 15.79 0.14
N ALA F 79 4.01 16.26 1.36
CA ALA F 79 3.16 17.43 1.54
C ALA F 79 3.85 18.70 1.02
N VAL F 80 5.11 18.88 1.39
CA VAL F 80 5.87 20.05 0.96
C VAL F 80 6.15 20.04 -0.54
N ASN F 81 6.53 18.88 -1.06
CA ASN F 81 6.85 18.73 -2.48
C ASN F 81 5.64 18.94 -3.38
N LYS F 82 4.45 18.92 -2.80
CA LYS F 82 3.23 19.21 -3.54
C LYS F 82 2.67 20.56 -3.12
N ALA F 83 3.47 21.32 -2.37
CA ALA F 83 3.06 22.64 -1.90
C ALA F 83 3.95 23.73 -2.48
N GLY F 84 3.37 24.90 -2.70
CA GLY F 84 4.09 26.02 -3.25
C GLY F 84 3.17 27.17 -3.62
N TRP F 85 3.64 28.02 -4.53
CA TRP F 85 2.88 29.21 -4.92
C TRP F 85 2.39 29.09 -6.36
N ARG F 86 1.20 29.60 -6.63
CA ARG F 86 0.61 29.46 -7.96
C ARG F 86 0.93 30.68 -8.83
N VAL F 87 1.18 30.41 -10.11
CA VAL F 87 1.52 31.46 -11.07
C VAL F 87 0.52 31.49 -12.22
N LYS F 88 0.22 32.70 -12.71
CA LYS F 88 -0.69 32.86 -13.84
C LYS F 88 -0.03 32.39 -15.13
N THR F 89 -0.61 31.38 -15.75
CA THR F 89 -0.07 30.84 -17.01
C THR F 89 -0.78 31.46 -18.20
N THR F 90 0.01 31.91 -19.19
CA THR F 90 -0.53 32.56 -20.37
C THR F 90 -0.65 31.57 -21.53
N ASN F 96 -3.57 33.50 -21.38
CA ASN F 96 -4.79 32.94 -21.97
C ASN F 96 -5.21 31.64 -21.28
N ASP F 97 -4.24 31.00 -20.62
CA ASP F 97 -4.50 29.74 -19.91
C ASP F 97 -5.03 30.05 -18.50
N ASP F 98 -4.75 29.19 -17.54
CA ASP F 98 -5.25 29.37 -16.18
C ASP F 98 -4.09 29.55 -15.19
N PHE F 99 -4.12 28.80 -14.09
CA PHE F 99 -3.06 28.86 -13.09
C PHE F 99 -2.23 27.58 -13.04
N ALA F 100 -0.96 27.72 -12.70
CA ALA F 100 -0.05 26.58 -12.56
C ALA F 100 0.63 26.57 -11.20
N THR F 101 0.62 25.42 -10.55
CA THR F 101 1.20 25.30 -9.21
C THR F 101 2.72 25.14 -9.27
N VAL F 102 3.43 26.09 -8.68
CA VAL F 102 4.88 26.02 -8.58
C VAL F 102 5.27 25.49 -7.20
N ALA F 103 5.69 24.23 -7.17
CA ALA F 103 6.07 23.57 -5.93
C ALA F 103 7.57 23.70 -5.65
N SER F 104 8.02 23.06 -4.58
CA SER F 104 9.42 23.09 -4.20
C SER F 104 10.28 22.23 -5.12
N GLY F 105 11.38 22.80 -5.59
CA GLY F 105 12.30 22.08 -6.45
C GLY F 105 12.06 22.32 -7.93
N THR F 106 10.95 22.99 -8.24
CA THR F 106 10.61 23.29 -9.62
C THR F 106 11.42 24.47 -10.14
N ASN F 107 12.01 24.30 -11.32
CA ASN F 107 12.85 25.33 -11.91
C ASN F 107 12.03 26.43 -12.57
N VAL F 108 12.29 27.68 -12.18
CA VAL F 108 11.65 28.82 -12.79
C VAL F 108 12.68 29.67 -13.52
N THR F 109 12.63 29.65 -14.85
CA THR F 109 13.61 30.34 -15.67
C THR F 109 13.10 31.66 -16.23
N PHE F 110 13.73 32.76 -15.82
CA PHE F 110 13.42 34.07 -16.36
C PHE F 110 14.19 34.31 -17.65
N ALA F 111 13.57 33.95 -18.77
CA ALA F 111 14.22 34.08 -20.08
C ALA F 111 13.85 35.40 -20.75
N ASP F 112 14.63 35.77 -21.76
CA ASP F 112 14.38 36.98 -22.52
C ASP F 112 13.62 36.68 -23.80
N GLY F 113 12.93 37.68 -24.34
CA GLY F 113 12.14 37.49 -25.54
C GLY F 113 12.48 38.49 -26.63
N ASN F 114 11.46 39.15 -27.17
CA ASN F 114 11.65 40.10 -28.25
C ASN F 114 12.17 41.44 -27.75
N GLY F 115 13.41 41.75 -28.10
CA GLY F 115 14.01 43.03 -27.76
C GLY F 115 14.26 43.21 -26.27
N THR F 116 14.28 42.11 -25.53
CA THR F 116 14.51 42.17 -24.09
C THR F 116 15.75 41.38 -23.69
N THR F 117 16.32 41.73 -22.54
CA THR F 117 17.51 41.06 -22.02
C THR F 117 17.33 40.75 -20.53
N ALA F 118 17.22 39.46 -20.21
CA ALA F 118 17.02 39.04 -18.84
C ALA F 118 18.33 39.11 -18.05
N GLU F 119 18.26 39.67 -16.85
CA GLU F 119 19.44 39.73 -15.99
C GLU F 119 19.06 39.42 -14.55
N VAL F 120 19.34 38.18 -14.16
CA VAL F 120 19.07 37.70 -12.80
C VAL F 120 20.36 37.53 -12.02
N THR F 121 20.49 38.23 -10.91
CA THR F 121 21.71 38.16 -10.11
C THR F 121 21.41 37.62 -8.71
N LYS F 122 22.39 36.91 -8.14
CA LYS F 122 22.25 36.35 -6.80
C LYS F 122 23.31 36.91 -5.86
N ALA F 123 22.86 37.57 -4.80
CA ALA F 123 23.77 38.13 -3.81
C ALA F 123 24.30 37.05 -2.88
N ASN F 124 25.24 37.41 -2.03
CA ASN F 124 25.80 36.48 -1.05
C ASN F 124 24.78 36.16 0.03
N ASP F 125 23.79 37.03 0.18
CA ASP F 125 22.72 36.82 1.15
C ASP F 125 21.72 35.78 0.66
N GLY F 126 21.84 35.42 -0.61
CA GLY F 126 20.94 34.45 -1.21
C GLY F 126 19.78 35.16 -1.89
N SER F 127 19.67 36.46 -1.63
CA SER F 127 18.60 37.26 -2.20
C SER F 127 18.74 37.39 -3.71
N ILE F 128 17.65 37.11 -4.41
CA ILE F 128 17.63 37.15 -5.87
C ILE F 128 17.12 38.49 -6.38
N THR F 129 17.89 39.11 -7.27
CA THR F 129 17.46 40.36 -7.90
C THR F 129 17.28 40.15 -9.39
N VAL F 130 16.04 40.22 -9.84
CA VAL F 130 15.72 40.01 -11.25
C VAL F 130 15.36 41.33 -11.94
N LYS F 131 16.08 41.64 -13.01
CA LYS F 131 15.82 42.88 -13.74
C LYS F 131 15.85 42.63 -15.24
N TYR F 132 14.89 43.26 -15.94
CA TYR F 132 14.81 43.18 -17.39
C TYR F 132 15.33 44.44 -18.06
N ASN F 133 16.08 44.23 -19.14
CA ASN F 133 16.68 45.30 -19.90
C ASN F 133 16.12 45.29 -21.32
N VAL F 134 16.37 46.35 -22.07
CA VAL F 134 15.92 46.39 -23.46
C VAL F 134 17.13 46.28 -24.39
N LYS F 135 16.99 45.48 -25.44
CA LYS F 135 18.08 45.28 -26.39
C LYS F 135 18.30 46.51 -27.25
N VAL F 136 19.39 47.22 -27.00
CA VAL F 136 19.72 48.39 -27.80
C VAL F 136 21.14 48.25 -28.34
N ALA F 137 21.26 47.74 -29.57
CA ALA F 137 22.58 47.55 -30.18
C ALA F 137 22.95 48.69 -31.13
N ASP F 138 24.18 48.64 -31.63
CA ASP F 138 24.68 49.57 -32.64
C ASP F 138 24.47 51.03 -32.27
N MET G 1 16.63 39.16 -67.84
CA MET G 1 17.09 38.25 -66.82
C MET G 1 16.09 38.16 -65.66
N ASP G 2 15.66 36.95 -65.35
CA ASP G 2 14.71 36.72 -64.25
C ASP G 2 15.33 35.89 -63.13
N PHE G 3 14.92 36.18 -61.90
CA PHE G 3 15.39 35.43 -60.73
C PHE G 3 14.21 34.75 -60.06
N VAL G 4 14.01 33.48 -60.38
CA VAL G 4 12.88 32.71 -59.86
C VAL G 4 13.34 31.58 -58.97
N SER G 5 12.44 31.15 -58.08
CA SER G 5 12.76 30.08 -57.12
C SER G 5 12.24 28.74 -57.60
N GLY G 6 12.85 27.66 -57.12
CA GLY G 6 12.46 26.32 -57.50
C GLY G 6 11.09 25.95 -56.99
N ASP G 7 10.90 26.02 -55.68
CA ASP G 7 9.60 25.78 -55.08
C ASP G 7 9.13 27.02 -54.33
N LYS G 8 7.91 27.46 -54.62
CA LYS G 8 7.38 28.69 -54.04
C LYS G 8 7.09 28.58 -52.56
N ASP G 9 6.91 27.35 -52.07
CA ASP G 9 6.57 27.12 -50.68
C ASP G 9 7.81 27.00 -49.79
N THR G 10 8.87 26.42 -50.33
CA THR G 10 10.10 26.23 -49.58
C THR G 10 11.03 27.43 -49.69
N THR G 11 11.13 27.98 -50.89
CA THR G 11 12.04 29.09 -51.16
C THR G 11 11.32 30.26 -51.81
N SER G 12 11.61 31.47 -51.37
CA SER G 12 11.00 32.67 -51.94
C SER G 12 12.05 33.68 -52.37
N VAL G 13 12.08 33.97 -53.66
CA VAL G 13 13.01 34.95 -54.20
C VAL G 13 12.24 36.08 -54.88
N THR G 14 12.42 37.30 -54.38
CA THR G 14 11.72 38.46 -54.91
C THR G 14 12.69 39.58 -55.27
N VAL G 15 12.53 40.15 -56.47
CA VAL G 15 13.40 41.24 -56.87
C VAL G 15 12.63 42.55 -56.75
N GLU G 16 13.14 43.42 -55.88
CA GLU G 16 12.52 44.71 -55.61
C GLU G 16 13.54 45.83 -55.74
N SER G 17 13.08 47.08 -55.66
CA SER G 17 13.98 48.23 -55.75
C SER G 17 13.75 49.15 -54.56
N LYS G 18 14.52 48.89 -53.50
CA LYS G 18 14.40 49.62 -52.24
C LYS G 18 14.80 51.10 -52.34
N ASP G 19 15.41 51.47 -53.46
CA ASP G 19 15.74 52.86 -53.70
C ASP G 19 15.05 53.34 -54.96
N ASN G 20 15.12 54.64 -55.22
CA ASN G 20 14.48 55.22 -56.39
C ASN G 20 15.01 54.60 -57.68
N GLY G 21 16.26 54.94 -57.98
CA GLY G 21 16.95 54.45 -59.16
C GLY G 21 18.21 53.64 -58.85
N LYS G 22 18.61 52.81 -59.80
CA LYS G 22 19.91 52.14 -59.80
C LYS G 22 20.11 51.07 -58.73
N ARG G 23 19.25 51.02 -57.73
CA ARG G 23 19.39 50.00 -56.71
C ARG G 23 18.34 48.91 -56.83
N THR G 24 18.72 47.79 -57.44
CA THR G 24 17.82 46.67 -57.58
C THR G 24 18.27 45.56 -56.64
N GLU G 25 17.54 45.41 -55.53
CA GLU G 25 17.88 44.40 -54.53
C GLU G 25 17.13 43.09 -54.79
N VAL G 26 17.84 41.98 -54.62
CA VAL G 26 17.24 40.67 -54.78
C VAL G 26 17.17 39.99 -53.42
N LYS G 27 15.96 39.88 -52.89
CA LYS G 27 15.76 39.28 -51.58
C LYS G 27 15.49 37.77 -51.71
N ILE G 28 16.36 36.98 -51.11
CA ILE G 28 16.22 35.54 -51.12
C ILE G 28 16.01 35.01 -49.70
N GLY G 29 14.81 34.50 -49.45
CA GLY G 29 14.48 33.99 -48.13
C GLY G 29 13.90 32.60 -48.20
N ALA G 30 13.87 31.90 -47.07
CA ALA G 30 13.29 30.57 -47.01
C ALA G 30 11.98 30.59 -46.22
N LYS G 31 10.88 30.30 -46.90
CA LYS G 31 9.58 30.28 -46.24
C LYS G 31 9.49 29.08 -45.31
N THR G 32 9.35 29.33 -44.02
CA THR G 32 9.29 28.27 -43.02
C THR G 32 7.90 28.13 -42.44
N SER G 33 7.53 26.89 -42.11
CA SER G 33 6.24 26.62 -41.48
C SER G 33 6.43 26.22 -40.02
N VAL G 34 5.43 26.51 -39.20
CA VAL G 34 5.50 26.20 -37.78
C VAL G 34 4.83 24.86 -37.49
N ILE G 35 5.42 24.08 -36.60
CA ILE G 35 4.87 22.79 -36.21
C ILE G 35 4.18 22.86 -34.87
N LYS G 36 2.91 22.48 -34.83
CA LYS G 36 2.15 22.48 -33.58
C LYS G 36 1.92 21.05 -33.08
N ASP G 37 1.30 20.94 -31.92
CA ASP G 37 1.01 19.63 -31.33
C ASP G 37 -0.13 19.69 -30.34
N HIS G 38 -0.82 18.56 -30.17
CA HIS G 38 -1.90 18.45 -29.21
C HIS G 38 -2.07 17.02 -28.75
N ASN G 39 -2.20 16.84 -27.44
CA ASN G 39 -2.35 15.52 -26.83
C ASN G 39 -1.25 14.55 -27.23
N GLY G 40 -0.04 15.08 -27.38
CA GLY G 40 1.12 14.28 -27.72
C GLY G 40 1.23 13.93 -29.19
N LYS G 41 0.27 14.40 -29.99
CA LYS G 41 0.28 14.13 -31.43
C LYS G 41 0.56 15.41 -32.21
N LEU G 42 1.54 15.34 -33.11
CA LEU G 42 1.95 16.51 -33.89
C LEU G 42 0.94 16.88 -34.97
N PHE G 43 0.61 18.16 -35.04
CA PHE G 43 -0.30 18.67 -36.06
C PHE G 43 0.25 19.93 -36.74
N THR G 44 -0.19 20.17 -37.97
CA THR G 44 0.15 21.39 -38.68
C THR G 44 -0.71 22.53 -38.16
N GLY G 45 -0.52 23.73 -38.71
CA GLY G 45 -1.31 24.87 -38.31
C GLY G 45 -2.76 24.72 -38.71
N LYS G 46 -2.98 24.42 -40.00
CA LYS G 46 -4.32 24.27 -40.54
C LYS G 46 -5.08 23.14 -39.85
N GLU G 47 -4.40 22.02 -39.65
CA GLU G 47 -5.00 20.86 -39.01
C GLU G 47 -5.44 21.19 -37.58
N LEU G 48 -4.54 21.78 -36.79
CA LEU G 48 -4.85 22.11 -35.41
C LEU G 48 -5.95 23.17 -35.29
N LYS G 49 -5.92 24.15 -36.18
CA LYS G 49 -6.91 25.23 -36.12
C LYS G 49 -8.29 24.77 -36.57
N ASP G 50 -8.33 23.88 -37.57
CA ASP G 50 -9.61 23.46 -38.15
C ASP G 50 -10.25 22.28 -37.42
N ALA G 51 -9.43 21.35 -36.94
CA ALA G 51 -9.96 20.13 -36.33
C ALA G 51 -10.32 20.30 -34.86
N ASN G 52 -9.49 21.04 -34.13
CA ASN G 52 -9.71 21.21 -32.69
C ASN G 52 -10.18 22.62 -32.34
N ASN G 53 -11.17 22.69 -31.45
CA ASN G 53 -11.76 23.95 -31.05
C ASN G 53 -11.57 24.25 -29.56
N ASN G 54 -11.52 23.19 -28.75
CA ASN G 54 -11.52 23.34 -27.30
C ASN G 54 -10.15 23.71 -26.74
N GLY G 55 -10.12 24.74 -25.88
CA GLY G 55 -8.92 25.11 -25.16
C GLY G 55 -7.73 25.59 -25.99
N VAL G 56 -7.91 25.75 -27.29
CA VAL G 56 -6.81 26.12 -28.16
C VAL G 56 -7.03 27.46 -28.86
N THR G 57 -5.98 28.28 -28.88
CA THR G 57 -6.00 29.58 -29.53
C THR G 57 -4.98 29.63 -30.66
N VAL G 58 -5.45 29.55 -31.89
CA VAL G 58 -4.57 29.57 -33.06
C VAL G 58 -4.69 30.89 -33.83
N THR G 59 -3.54 31.48 -34.16
CA THR G 59 -3.50 32.75 -34.88
C THR G 59 -3.95 32.59 -36.33
N GLU G 60 -4.24 33.72 -36.97
CA GLU G 60 -4.72 33.73 -38.35
C GLU G 60 -3.64 33.29 -39.34
N THR G 61 -2.40 33.65 -39.04
CA THR G 61 -1.27 33.30 -39.89
C THR G 61 -1.01 31.79 -39.90
N ASP G 62 -1.23 31.16 -38.76
CA ASP G 62 -1.06 29.71 -38.63
C ASP G 62 -2.25 28.95 -39.21
N GLY G 63 -3.39 29.62 -39.33
CA GLY G 63 -4.58 29.00 -39.86
C GLY G 63 -4.48 28.61 -41.32
N LYS G 64 -3.72 29.38 -42.09
CA LYS G 64 -3.53 29.09 -43.50
C LYS G 64 -2.30 28.21 -43.73
N ASP G 65 -1.52 28.01 -42.67
CA ASP G 65 -0.31 27.20 -42.76
C ASP G 65 -0.66 25.72 -42.92
N GLU G 66 -0.24 25.13 -44.03
CA GLU G 66 -0.52 23.72 -44.29
C GLU G 66 0.73 22.87 -44.05
N GLY G 67 1.78 23.49 -43.53
CA GLY G 67 3.01 22.79 -43.20
C GLY G 67 3.78 22.26 -44.39
N ASN G 68 3.83 23.04 -45.46
CA ASN G 68 4.57 22.64 -46.66
C ASN G 68 5.94 23.29 -46.72
N GLY G 69 6.18 24.26 -45.84
CA GLY G 69 7.45 24.96 -45.81
C GLY G 69 8.48 24.24 -44.96
N LEU G 70 9.68 24.81 -44.88
CA LEU G 70 10.76 24.20 -44.11
C LEU G 70 10.56 24.44 -42.62
N VAL G 71 11.43 23.85 -41.81
CA VAL G 71 11.35 23.99 -40.36
C VAL G 71 12.71 24.25 -39.72
N THR G 72 12.71 25.03 -38.66
CA THR G 72 13.93 25.34 -37.92
C THR G 72 14.18 24.29 -36.83
N ALA G 73 15.33 24.39 -36.18
CA ALA G 73 15.69 23.47 -35.11
C ALA G 73 14.78 23.67 -33.90
N LYS G 74 14.54 24.93 -33.55
CA LYS G 74 13.72 25.27 -32.40
C LYS G 74 12.30 24.73 -32.53
N ALA G 75 11.74 24.84 -33.74
CA ALA G 75 10.39 24.37 -34.00
C ALA G 75 10.28 22.86 -33.81
N VAL G 76 11.22 22.12 -34.41
CA VAL G 76 11.23 20.67 -34.32
C VAL G 76 11.44 20.20 -32.88
N ILE G 77 12.43 20.78 -32.21
CA ILE G 77 12.73 20.43 -30.82
C ILE G 77 11.53 20.69 -29.90
N ASP G 78 10.95 21.88 -30.00
CA ASP G 78 9.80 22.23 -29.17
C ASP G 78 8.60 21.33 -29.48
N ALA G 79 8.46 20.95 -30.76
CA ALA G 79 7.36 20.09 -31.17
C ALA G 79 7.50 18.68 -30.60
N VAL G 80 8.70 18.11 -30.71
CA VAL G 80 8.98 16.77 -30.21
C VAL G 80 8.92 16.69 -28.69
N ASN G 81 9.47 17.70 -28.02
CA ASN G 81 9.51 17.71 -26.56
C ASN G 81 8.13 17.81 -25.92
N LYS G 82 7.12 18.16 -26.72
CA LYS G 82 5.74 18.17 -26.24
C LYS G 82 4.91 17.04 -26.85
N ALA G 83 5.59 16.09 -27.49
CA ALA G 83 4.89 14.98 -28.12
C ALA G 83 5.26 13.65 -27.45
N GLY G 84 4.31 12.72 -27.44
CA GLY G 84 4.53 11.42 -26.82
C GLY G 84 3.26 10.61 -26.73
N TRP G 85 3.23 9.65 -25.80
CA TRP G 85 2.09 8.75 -25.66
C TRP G 85 1.31 9.02 -24.37
N ARG G 86 -0.01 8.87 -24.44
CA ARG G 86 -0.88 9.19 -23.32
C ARG G 86 -1.20 7.98 -22.44
N VAL G 87 -1.26 8.19 -21.13
CA VAL G 87 -1.58 7.12 -20.19
C VAL G 87 -2.85 7.45 -19.41
N LYS G 88 -3.70 6.46 -19.20
CA LYS G 88 -4.94 6.64 -18.46
C LYS G 88 -4.69 6.79 -16.96
N THR G 89 -5.07 7.93 -16.40
CA THR G 89 -4.90 8.17 -14.97
C THR G 89 -6.16 7.78 -14.19
N THR G 90 -5.97 7.05 -13.10
CA THR G 90 -7.08 6.55 -12.29
C THR G 90 -7.35 7.43 -11.09
N GLY G 91 -8.23 8.41 -11.25
CA GLY G 91 -8.60 9.30 -10.15
C GLY G 91 -10.08 9.58 -10.13
N ASP G 98 -8.48 11.15 -16.20
CA ASP G 98 -8.50 11.07 -17.65
C ASP G 98 -7.16 10.55 -18.20
N PHE G 99 -6.64 11.27 -19.19
CA PHE G 99 -5.35 10.90 -19.79
C PHE G 99 -4.26 11.94 -19.47
N ALA G 100 -3.02 11.45 -19.38
CA ALA G 100 -1.87 12.31 -19.15
C ALA G 100 -0.84 12.08 -20.24
N THR G 101 -0.33 13.17 -20.81
CA THR G 101 0.62 13.09 -21.91
C THR G 101 2.04 12.83 -21.43
N VAL G 102 2.60 11.70 -21.85
CA VAL G 102 3.99 11.37 -21.56
C VAL G 102 4.87 11.70 -22.75
N ALA G 103 5.63 12.79 -22.62
CA ALA G 103 6.50 13.25 -23.69
C ALA G 103 7.90 12.65 -23.56
N SER G 104 8.80 13.08 -24.43
CA SER G 104 10.17 12.58 -24.42
C SER G 104 10.96 13.14 -23.25
N GLY G 105 11.64 12.26 -22.53
CA GLY G 105 12.44 12.68 -21.39
C GLY G 105 11.71 12.53 -20.06
N THR G 106 10.43 12.20 -20.14
CA THR G 106 9.62 12.05 -18.94
C THR G 106 9.91 10.73 -18.22
N ASN G 107 10.13 10.80 -16.92
CA ASN G 107 10.44 9.63 -16.11
C ASN G 107 9.19 8.84 -15.75
N VAL G 108 9.19 7.55 -16.08
CA VAL G 108 8.11 6.66 -15.71
C VAL G 108 8.59 5.58 -14.76
N THR G 109 8.16 5.67 -13.50
CA THR G 109 8.61 4.74 -12.48
C THR G 109 7.56 3.68 -12.18
N PHE G 110 7.90 2.43 -12.45
CA PHE G 110 7.04 1.30 -12.11
C PHE G 110 7.27 0.87 -10.67
N ALA G 111 6.47 1.42 -9.76
CA ALA G 111 6.63 1.11 -8.33
C ALA G 111 5.70 -0.03 -7.92
N ASP G 112 5.98 -0.62 -6.77
CA ASP G 112 5.17 -1.71 -6.25
C ASP G 112 4.16 -1.21 -5.23
N GLY G 113 3.09 -1.96 -5.04
CA GLY G 113 2.03 -1.57 -4.13
C GLY G 113 1.68 -2.61 -3.09
N ASN G 114 0.39 -2.93 -2.99
CA ASN G 114 -0.08 -3.88 -2.00
C ASN G 114 0.18 -5.32 -2.42
N GLY G 115 1.09 -5.98 -1.72
CA GLY G 115 1.38 -7.37 -1.98
C GLY G 115 2.02 -7.62 -3.34
N THR G 116 2.58 -6.58 -3.93
CA THR G 116 3.20 -6.68 -5.24
C THR G 116 4.67 -6.28 -5.20
N THR G 117 5.44 -6.78 -6.16
CA THR G 117 6.86 -6.46 -6.27
C THR G 117 7.22 -6.15 -7.72
N ALA G 118 7.51 -4.88 -7.99
CA ALA G 118 7.86 -4.44 -9.34
C ALA G 118 9.30 -4.81 -9.68
N GLU G 119 9.50 -5.35 -10.87
CA GLU G 119 10.85 -5.70 -11.34
C GLU G 119 11.04 -5.33 -12.81
N VAL G 120 11.72 -4.21 -13.04
CA VAL G 120 11.99 -3.75 -14.39
C VAL G 120 13.47 -3.91 -14.75
N THR G 121 13.75 -4.67 -15.80
CA THR G 121 15.12 -4.95 -16.21
C THR G 121 15.41 -4.43 -17.61
N LYS G 122 16.66 -4.05 -17.85
CA LYS G 122 17.09 -3.56 -19.15
C LYS G 122 18.20 -4.43 -19.73
N ALA G 123 17.94 -5.00 -20.91
CA ALA G 123 18.93 -5.85 -21.57
C ALA G 123 20.02 -5.00 -22.22
N ASN G 124 21.05 -5.66 -22.73
CA ASN G 124 22.13 -4.97 -23.43
C ASN G 124 21.68 -4.40 -24.76
N ASP G 125 20.62 -4.98 -25.31
CA ASP G 125 20.05 -4.51 -26.57
C ASP G 125 19.20 -3.26 -26.35
N GLY G 126 18.94 -2.95 -25.08
CA GLY G 126 18.13 -1.79 -24.73
C GLY G 126 16.67 -2.16 -24.50
N SER G 127 16.32 -3.39 -24.85
CA SER G 127 14.95 -3.86 -24.68
C SER G 127 14.56 -3.94 -23.21
N ILE G 128 13.41 -3.37 -22.87
CA ILE G 128 12.93 -3.32 -21.49
C ILE G 128 11.97 -4.47 -21.17
N THR G 129 12.25 -5.17 -20.07
CA THR G 129 11.39 -6.26 -19.61
C THR G 129 10.79 -5.93 -18.25
N VAL G 130 9.47 -5.77 -18.22
CA VAL G 130 8.76 -5.42 -16.99
C VAL G 130 7.99 -6.62 -16.43
N LYS G 131 8.24 -6.94 -15.17
CA LYS G 131 7.59 -8.08 -14.53
C LYS G 131 7.07 -7.74 -13.14
N TYR G 132 5.83 -8.15 -12.85
CA TYR G 132 5.27 -7.98 -11.52
C TYR G 132 5.22 -9.31 -10.78
N ASN G 133 5.61 -9.29 -9.50
CA ASN G 133 5.62 -10.50 -8.69
C ASN G 133 4.70 -10.35 -7.48
N VAL G 134 4.34 -11.47 -6.86
CA VAL G 134 3.56 -11.42 -5.62
C VAL G 134 4.38 -11.90 -4.43
N LYS G 135 4.27 -11.19 -3.32
CA LYS G 135 5.00 -11.55 -2.11
C LYS G 135 4.05 -12.01 -1.00
N VAL G 136 4.07 -13.30 -0.70
CA VAL G 136 3.22 -13.84 0.35
C VAL G 136 4.05 -14.59 1.39
N ALA G 137 4.37 -13.90 2.48
CA ALA G 137 5.16 -14.49 3.57
C ALA G 137 4.27 -15.00 4.70
N ASP G 138 4.90 -15.63 5.68
CA ASP G 138 4.24 -16.13 6.89
C ASP G 138 3.03 -17.00 6.56
N MET H 1 29.26 37.83 -63.56
CA MET H 1 28.62 37.36 -62.34
C MET H 1 28.42 35.85 -62.36
N ASP H 2 28.91 35.18 -61.32
CA ASP H 2 28.78 33.73 -61.24
C ASP H 2 27.85 33.35 -60.09
N PHE H 3 27.08 32.28 -60.30
CA PHE H 3 26.13 31.82 -59.29
C PHE H 3 26.40 30.39 -58.84
N VAL H 4 26.63 30.21 -57.55
CA VAL H 4 26.92 28.91 -56.98
C VAL H 4 26.31 28.79 -55.58
N SER H 5 26.02 27.57 -55.14
CA SER H 5 25.42 27.35 -53.83
C SER H 5 26.48 26.94 -52.81
N GLY H 6 26.19 27.20 -51.53
CA GLY H 6 27.11 26.87 -50.46
C GLY H 6 27.27 25.37 -50.28
N ASP H 7 26.17 24.68 -50.04
CA ASP H 7 26.16 23.23 -49.91
C ASP H 7 25.28 22.61 -50.99
N LYS H 8 25.83 21.63 -51.70
CA LYS H 8 25.13 21.02 -52.83
C LYS H 8 23.93 20.18 -52.40
N ASP H 9 23.91 19.76 -51.14
CA ASP H 9 22.85 18.91 -50.64
C ASP H 9 21.67 19.74 -50.11
N THR H 10 21.98 20.88 -49.51
CA THR H 10 20.95 21.75 -48.95
C THR H 10 20.40 22.74 -49.96
N THR H 11 21.28 23.32 -50.77
CA THR H 11 20.88 24.34 -51.74
C THR H 11 21.37 24.02 -53.14
N SER H 12 20.50 24.20 -54.13
CA SER H 12 20.85 23.96 -55.52
C SER H 12 20.49 25.16 -56.39
N VAL H 13 21.49 25.77 -57.02
CA VAL H 13 21.25 26.91 -57.90
C VAL H 13 21.73 26.62 -59.32
N THR H 14 20.79 26.66 -60.26
CA THR H 14 21.10 26.37 -61.67
C THR H 14 20.63 27.49 -62.60
N VAL H 15 21.52 27.92 -63.50
CA VAL H 15 21.17 28.94 -64.47
C VAL H 15 20.99 28.29 -65.85
N GLU H 16 19.81 28.44 -66.42
CA GLU H 16 19.51 27.84 -67.72
C GLU H 16 19.03 28.87 -68.73
N SER H 17 18.96 28.47 -69.99
CA SER H 17 18.51 29.36 -71.06
N ASN H 20 14.04 31.26 -75.40
CA ASN H 20 15.21 30.47 -75.76
C ASN H 20 16.48 31.33 -75.77
N GLY H 21 16.93 31.69 -76.96
CA GLY H 21 18.11 32.53 -77.12
C GLY H 21 17.92 33.88 -76.45
N LYS H 22 18.99 34.39 -75.84
CA LYS H 22 19.06 35.74 -75.28
C LYS H 22 18.30 35.83 -73.95
N ARG H 23 17.55 34.79 -73.62
CA ARG H 23 16.81 34.73 -72.38
C ARG H 23 17.49 33.81 -71.37
N THR H 24 18.17 34.42 -70.40
CA THR H 24 18.88 33.66 -69.38
C THR H 24 18.16 33.67 -68.03
N GLU H 25 17.53 32.55 -67.70
CA GLU H 25 16.80 32.40 -66.45
C GLU H 25 17.66 31.80 -65.34
N VAL H 26 17.51 32.35 -64.14
CA VAL H 26 18.25 31.85 -62.98
C VAL H 26 17.32 31.17 -61.97
N LYS H 27 17.40 29.83 -61.91
CA LYS H 27 16.59 29.05 -61.01
C LYS H 27 17.30 28.76 -59.69
N ILE H 28 16.72 29.22 -58.58
CA ILE H 28 17.31 28.99 -57.27
C ILE H 28 16.37 28.13 -56.42
N GLY H 29 16.78 26.90 -56.12
CA GLY H 29 15.95 26.00 -55.36
C GLY H 29 16.62 25.34 -54.16
N ALA H 30 15.81 24.79 -53.28
CA ALA H 30 16.31 24.09 -52.09
C ALA H 30 16.06 22.58 -52.20
N LYS H 31 17.14 21.82 -52.23
CA LYS H 31 17.04 20.36 -52.31
C LYS H 31 16.54 19.78 -51.00
N THR H 32 15.39 19.12 -51.04
CA THR H 32 14.79 18.57 -49.83
C THR H 32 14.86 17.05 -49.79
N SER H 33 15.01 16.50 -48.59
CA SER H 33 15.08 15.05 -48.40
C SER H 33 13.83 14.52 -47.70
N VAL H 34 13.48 13.27 -47.99
CA VAL H 34 12.33 12.62 -47.40
C VAL H 34 12.73 11.75 -46.20
N ILE H 35 11.89 11.73 -45.17
CA ILE H 35 12.15 10.92 -43.99
C ILE H 35 11.30 9.65 -44.02
N LYS H 36 11.95 8.50 -43.91
CA LYS H 36 11.25 7.23 -43.92
C LYS H 36 11.19 6.65 -42.51
N ASP H 37 10.52 5.52 -42.34
CA ASP H 37 10.40 4.89 -41.03
C ASP H 37 10.07 3.40 -41.07
N HIS H 38 10.49 2.68 -40.03
CA HIS H 38 10.20 1.26 -39.89
C HIS H 38 10.20 0.87 -38.41
N ASN H 39 9.18 0.12 -38.00
CA ASN H 39 9.03 -0.34 -36.62
C ASN H 39 9.09 0.79 -35.60
N GLY H 40 8.55 1.95 -35.96
CA GLY H 40 8.51 3.09 -35.07
C GLY H 40 9.82 3.84 -34.99
N LYS H 41 10.82 3.38 -35.75
CA LYS H 41 12.13 4.03 -35.77
C LYS H 41 12.37 4.71 -37.11
N LEU H 42 12.79 5.96 -37.07
CA LEU H 42 13.00 6.74 -38.28
C LEU H 42 14.26 6.30 -39.02
N PHE H 43 14.13 6.12 -40.33
CA PHE H 43 15.24 5.72 -41.18
C PHE H 43 15.32 6.62 -42.41
N THR H 44 16.51 6.72 -43.00
CA THR H 44 16.67 7.45 -44.25
C THR H 44 16.15 6.61 -45.40
N GLY H 45 16.19 7.16 -46.61
CA GLY H 45 15.73 6.43 -47.78
C GLY H 45 16.59 5.24 -48.15
N LYS H 46 17.89 5.48 -48.30
CA LYS H 46 18.84 4.44 -48.68
C LYS H 46 18.90 3.34 -47.63
N GLU H 47 18.92 3.73 -46.37
CA GLU H 47 18.99 2.77 -45.26
C GLU H 47 17.76 1.87 -45.24
N LEU H 48 16.58 2.47 -45.31
CA LEU H 48 15.33 1.73 -45.28
C LEU H 48 15.19 0.82 -46.50
N LYS H 49 15.64 1.30 -47.65
CA LYS H 49 15.54 0.56 -48.89
C LYS H 49 16.50 -0.63 -48.93
N ASP H 50 17.69 -0.44 -48.35
CA ASP H 50 18.74 -1.45 -48.43
C ASP H 50 18.65 -2.50 -47.32
N ALA H 51 18.22 -2.07 -46.14
CA ALA H 51 18.18 -2.95 -44.97
C ALA H 51 16.92 -3.81 -44.96
N ASN H 52 15.81 -3.22 -45.42
CA ASN H 52 14.51 -3.88 -45.43
C ASN H 52 14.13 -4.29 -46.85
N ASN H 53 13.55 -5.48 -46.98
CA ASN H 53 13.23 -6.02 -48.29
C ASN H 53 11.72 -6.15 -48.51
N ASN H 54 11.09 -7.04 -47.75
CA ASN H 54 9.69 -7.38 -47.94
C ASN H 54 8.73 -6.38 -47.28
N GLY H 55 7.62 -6.12 -47.95
CA GLY H 55 6.56 -5.29 -47.40
C GLY H 55 6.86 -3.81 -47.29
N VAL H 56 7.98 -3.38 -47.87
CA VAL H 56 8.37 -1.98 -47.83
C VAL H 56 8.41 -1.46 -49.26
N THR H 57 7.86 -0.26 -49.48
CA THR H 57 7.86 0.33 -50.82
C THR H 57 8.63 1.63 -50.87
N VAL H 58 9.85 1.57 -51.39
CA VAL H 58 10.68 2.76 -51.55
C VAL H 58 10.87 3.09 -53.02
N THR H 59 10.64 4.34 -53.38
CA THR H 59 10.80 4.78 -54.77
C THR H 59 12.28 4.81 -55.13
N GLU H 60 12.57 4.89 -56.43
CA GLU H 60 13.94 4.90 -56.90
C GLU H 60 14.66 6.18 -56.49
N THR H 61 13.92 7.29 -56.49
CA THR H 61 14.47 8.58 -56.10
C THR H 61 14.79 8.61 -54.61
N ASP H 62 13.97 7.94 -53.80
CA ASP H 62 14.19 7.85 -52.37
C ASP H 62 15.27 6.82 -52.03
N GLY H 63 15.49 5.89 -52.96
CA GLY H 63 16.49 4.85 -52.75
C GLY H 63 17.90 5.41 -52.71
N LYS H 64 18.13 6.50 -53.44
CA LYS H 64 19.44 7.14 -53.48
C LYS H 64 19.56 8.21 -52.40
N ASP H 65 18.45 8.50 -51.74
CA ASP H 65 18.41 9.52 -50.70
C ASP H 65 19.18 9.08 -49.44
N GLU H 66 20.19 9.86 -49.08
CA GLU H 66 21.00 9.56 -47.91
C GLU H 66 20.62 10.49 -46.76
N GLY H 67 19.56 11.26 -46.96
CA GLY H 67 19.04 12.15 -45.92
C GLY H 67 19.95 13.31 -45.60
N ASN H 68 20.57 13.87 -46.64
CA ASN H 68 21.46 15.02 -46.46
C ASN H 68 20.74 16.34 -46.77
N GLY H 69 19.55 16.23 -47.37
CA GLY H 69 18.78 17.41 -47.73
C GLY H 69 17.91 17.89 -46.60
N LEU H 70 17.19 18.99 -46.85
CA LEU H 70 16.30 19.58 -45.84
C LEU H 70 15.00 18.80 -45.72
N VAL H 71 14.16 19.20 -44.76
CA VAL H 71 12.87 18.53 -44.54
C VAL H 71 11.74 19.53 -44.34
N THR H 72 10.55 19.15 -44.79
CA THR H 72 9.36 19.99 -44.62
C THR H 72 8.68 19.70 -43.29
N ALA H 73 7.67 20.50 -42.96
CA ALA H 73 6.93 20.32 -41.72
C ALA H 73 6.08 19.05 -41.74
N LYS H 74 5.38 18.83 -42.84
CA LYS H 74 4.48 17.69 -42.99
C LYS H 74 5.23 16.37 -42.89
N ALA H 75 6.42 16.32 -43.50
CA ALA H 75 7.24 15.11 -43.49
C ALA H 75 7.66 14.76 -42.08
N VAL H 76 8.17 15.74 -41.36
CA VAL H 76 8.59 15.54 -39.96
C VAL H 76 7.42 15.13 -39.08
N ILE H 77 6.31 15.85 -39.20
CA ILE H 77 5.12 15.57 -38.41
C ILE H 77 4.62 14.15 -38.63
N ASP H 78 4.47 13.74 -39.88
CA ASP H 78 4.00 12.40 -40.19
C ASP H 78 5.01 11.35 -39.75
N ALA H 79 6.29 11.69 -39.85
CA ALA H 79 7.36 10.76 -39.48
C ALA H 79 7.32 10.46 -37.98
N VAL H 80 7.20 11.52 -37.18
CA VAL H 80 7.15 11.36 -35.73
C VAL H 80 5.84 10.67 -35.33
N ASN H 81 4.74 11.08 -35.96
CA ASN H 81 3.43 10.50 -35.67
C ASN H 81 3.33 9.04 -36.11
N LYS H 82 4.29 8.59 -36.92
CA LYS H 82 4.36 7.18 -37.29
C LYS H 82 5.54 6.51 -36.60
N ALA H 83 6.14 7.22 -35.65
CA ALA H 83 7.28 6.71 -34.89
C ALA H 83 6.95 6.56 -33.42
N GLY H 84 7.58 5.58 -32.77
CA GLY H 84 7.34 5.33 -31.36
C GLY H 84 8.01 4.05 -30.87
N TRP H 85 7.49 3.51 -29.77
CA TRP H 85 8.09 2.32 -29.17
C TRP H 85 7.18 1.11 -29.31
N ARG H 86 7.77 -0.06 -29.50
CA ARG H 86 6.98 -1.27 -29.76
C ARG H 86 6.72 -2.05 -28.47
N VAL H 87 5.51 -2.61 -28.38
CA VAL H 87 5.10 -3.37 -27.20
C VAL H 87 4.73 -4.81 -27.59
N LYS H 88 5.09 -5.75 -26.73
CA LYS H 88 4.76 -7.17 -26.93
C LYS H 88 3.28 -7.45 -26.70
N THR H 89 2.60 -7.92 -27.74
CA THR H 89 1.19 -8.28 -27.63
C THR H 89 1.05 -9.78 -27.35
N THR H 90 0.22 -10.12 -26.37
CA THR H 90 0.05 -11.50 -25.96
C THR H 90 -1.19 -12.14 -26.58
N GLY H 91 -1.01 -12.75 -27.75
CA GLY H 91 -2.10 -13.42 -28.43
C GLY H 91 -1.67 -14.75 -29.03
N ASP H 98 2.73 -10.75 -32.06
CA ASP H 98 4.06 -10.21 -32.28
C ASP H 98 4.27 -8.91 -31.52
N PHE H 99 4.78 -7.91 -32.22
CA PHE H 99 4.98 -6.59 -31.63
C PHE H 99 4.03 -5.57 -32.25
N ALA H 100 3.64 -4.56 -31.47
CA ALA H 100 2.77 -3.51 -31.97
C ALA H 100 3.41 -2.15 -31.73
N THR H 101 3.42 -1.32 -32.77
CA THR H 101 4.07 -0.02 -32.69
C THR H 101 3.16 1.02 -32.01
N VAL H 102 3.64 1.54 -30.89
CA VAL H 102 2.94 2.60 -30.17
C VAL H 102 3.58 3.95 -30.52
N ALA H 103 2.88 4.72 -31.35
CA ALA H 103 3.37 6.01 -31.79
C ALA H 103 2.91 7.13 -30.87
N SER H 104 3.23 8.36 -31.25
CA SER H 104 2.86 9.54 -30.46
C SER H 104 1.37 9.83 -30.58
N GLY H 105 0.71 10.02 -29.44
CA GLY H 105 -0.71 10.31 -29.42
C GLY H 105 -1.53 9.06 -29.19
N THR H 106 -0.85 7.91 -29.22
CA THR H 106 -1.52 6.63 -29.02
C THR H 106 -1.82 6.41 -27.54
N ASN H 107 -3.06 6.03 -27.23
CA ASN H 107 -3.46 5.81 -25.86
C ASN H 107 -3.02 4.45 -25.33
N VAL H 108 -2.28 4.46 -24.23
CA VAL H 108 -1.89 3.23 -23.57
C VAL H 108 -2.52 3.18 -22.18
N THR H 109 -3.51 2.32 -22.02
CA THR H 109 -4.25 2.24 -20.76
C THR H 109 -3.81 1.05 -19.91
N PHE H 110 -3.28 1.34 -18.74
CA PHE H 110 -2.95 0.28 -17.79
C PHE H 110 -4.21 -0.05 -17.00
N ALA H 111 -4.97 -1.02 -17.49
CA ALA H 111 -6.23 -1.41 -16.88
C ALA H 111 -6.05 -2.53 -15.88
N ASP H 112 -7.06 -2.74 -15.04
CA ASP H 112 -7.03 -3.80 -14.05
C ASP H 112 -7.76 -5.03 -14.54
N GLY H 113 -7.41 -6.19 -13.96
CA GLY H 113 -8.00 -7.45 -14.36
C GLY H 113 -8.60 -8.19 -13.18
N ASN H 114 -8.22 -9.45 -13.04
CA ASN H 114 -8.74 -10.30 -11.98
C ASN H 114 -8.07 -10.01 -10.63
N GLY H 115 -8.83 -9.44 -9.71
CA GLY H 115 -8.35 -9.20 -8.37
C GLY H 115 -7.24 -8.17 -8.26
N THR H 116 -7.11 -7.33 -9.29
CA THR H 116 -6.07 -6.31 -9.31
C THR H 116 -6.67 -4.91 -9.43
N THR H 117 -5.90 -3.91 -9.00
CA THR H 117 -6.34 -2.52 -9.05
C THR H 117 -5.24 -1.63 -9.62
N ALA H 118 -5.47 -1.10 -10.81
CA ALA H 118 -4.50 -0.26 -11.49
C ALA H 118 -4.47 1.15 -10.91
N GLU H 119 -3.26 1.66 -10.69
CA GLU H 119 -3.10 3.01 -10.15
C GLU H 119 -2.00 3.78 -10.88
N VAL H 120 -2.40 4.65 -11.80
CA VAL H 120 -1.45 5.48 -12.54
C VAL H 120 -1.57 6.93 -12.09
N THR H 121 -0.48 7.49 -11.57
CA THR H 121 -0.50 8.85 -11.07
C THR H 121 0.46 9.77 -11.81
N LYS H 122 0.10 11.04 -11.90
CA LYS H 122 0.95 12.03 -12.55
C LYS H 122 1.32 13.14 -11.57
N ALA H 123 2.61 13.29 -11.31
CA ALA H 123 3.11 14.31 -10.41
C ALA H 123 3.12 15.67 -11.09
N ASN H 124 3.42 16.71 -10.32
CA ASN H 124 3.53 18.07 -10.87
C ASN H 124 4.75 18.17 -11.76
N ASP H 125 5.71 17.27 -11.56
CA ASP H 125 6.91 17.22 -12.37
C ASP H 125 6.64 16.58 -13.72
N GLY H 126 5.46 15.97 -13.85
CA GLY H 126 5.07 15.31 -15.09
C GLY H 126 5.41 13.83 -15.07
N SER H 127 6.18 13.42 -14.06
CA SER H 127 6.61 12.03 -13.92
C SER H 127 5.42 11.11 -13.65
N ILE H 128 5.34 10.02 -14.41
CA ILE H 128 4.27 9.06 -14.28
C ILE H 128 4.68 7.90 -13.39
N THR H 129 3.83 7.60 -12.40
CA THR H 129 4.07 6.47 -11.50
C THR H 129 2.98 5.43 -11.65
N VAL H 130 3.35 4.25 -12.13
CA VAL H 130 2.39 3.17 -12.32
C VAL H 130 2.58 2.13 -11.22
N LYS H 131 1.50 1.87 -10.49
CA LYS H 131 1.53 0.95 -9.37
C LYS H 131 0.29 0.05 -9.39
N TYR H 132 0.50 -1.25 -9.17
CA TYR H 132 -0.62 -2.18 -9.11
C TYR H 132 -0.91 -2.61 -7.68
N ASN H 133 -2.20 -2.68 -7.35
CA ASN H 133 -2.62 -3.04 -6.00
C ASN H 133 -3.45 -4.31 -5.97
N VAL H 134 -3.58 -4.91 -4.79
CA VAL H 134 -4.43 -6.08 -4.61
C VAL H 134 -5.60 -5.68 -3.72
N LYS H 135 -6.80 -6.13 -4.06
CA LYS H 135 -7.99 -5.78 -3.29
C LYS H 135 -8.51 -6.97 -2.50
N VAL H 136 -8.36 -6.91 -1.18
CA VAL H 136 -8.80 -7.99 -0.31
C VAL H 136 -9.78 -7.48 0.74
N ALA H 137 -11.06 -7.63 0.45
CA ALA H 137 -12.12 -7.21 1.36
C ALA H 137 -12.62 -8.37 2.21
N ASP H 138 -13.53 -8.07 3.13
CA ASP H 138 -14.18 -9.06 3.98
C ASP H 138 -13.17 -9.96 4.71
N MET I 1 22.99 46.22 -58.54
CA MET I 1 22.28 45.04 -58.07
C MET I 1 22.77 44.61 -56.68
N ASP I 2 21.84 44.48 -55.75
CA ASP I 2 22.18 44.07 -54.39
C ASP I 2 21.60 42.69 -54.09
N PHE I 3 22.34 41.89 -53.35
CA PHE I 3 21.90 40.55 -52.98
C PHE I 3 21.86 40.37 -51.47
N VAL I 4 20.70 40.59 -50.88
CA VAL I 4 20.54 40.45 -49.43
C VAL I 4 19.56 39.31 -49.11
N SER I 5 19.71 38.73 -47.93
CA SER I 5 18.85 37.61 -47.52
C SER I 5 17.73 38.10 -46.60
N GLY I 6 16.63 37.36 -46.58
CA GLY I 6 15.49 37.70 -45.76
C GLY I 6 15.78 37.58 -44.28
N ASP I 7 16.18 36.39 -43.84
CA ASP I 7 16.55 36.16 -42.46
C ASP I 7 17.99 35.70 -42.34
N LYS I 8 18.74 36.34 -41.46
CA LYS I 8 20.17 36.07 -41.32
C LYS I 8 20.41 34.69 -40.70
N ASP I 9 19.41 34.16 -40.02
CA ASP I 9 19.54 32.87 -39.33
C ASP I 9 19.20 31.71 -40.25
N THR I 10 18.22 31.92 -41.13
CA THR I 10 17.78 30.86 -42.04
C THR I 10 18.56 30.83 -43.35
N THR I 11 18.82 32.01 -43.91
CA THR I 11 19.47 32.11 -45.22
C THR I 11 20.70 33.02 -45.20
N SER I 12 21.77 32.57 -45.85
CA SER I 12 23.00 33.36 -45.93
C SER I 12 23.47 33.53 -47.38
N VAL I 13 23.56 34.78 -47.82
CA VAL I 13 24.03 35.09 -49.17
C VAL I 13 25.28 35.97 -49.13
N THR I 14 26.36 35.47 -49.74
CA THR I 14 27.63 36.19 -49.74
C THR I 14 28.14 36.41 -51.16
N VAL I 15 28.53 37.65 -51.45
CA VAL I 15 29.05 38.01 -52.77
C VAL I 15 30.56 38.22 -52.74
N GLU I 16 31.28 37.46 -53.56
CA GLU I 16 32.73 37.56 -53.65
C GLU I 16 33.16 37.81 -55.09
N SER I 17 34.42 38.18 -55.27
CA SER I 17 34.95 38.47 -56.60
C SER I 17 36.27 37.76 -56.87
N LYS I 18 36.25 36.43 -56.79
CA LYS I 18 37.45 35.64 -57.01
C LYS I 18 37.91 35.71 -58.46
N ARG I 23 35.51 38.27 -62.57
CA ARG I 23 34.73 37.10 -62.15
C ARG I 23 34.15 37.30 -60.76
N THR I 24 32.85 37.62 -60.71
CA THR I 24 32.16 37.84 -59.44
C THR I 24 31.23 36.68 -59.10
N GLU I 25 31.63 35.86 -58.13
CA GLU I 25 30.83 34.70 -57.75
C GLU I 25 29.87 35.03 -56.61
N VAL I 26 28.64 34.54 -56.71
CA VAL I 26 27.63 34.73 -55.69
C VAL I 26 27.27 33.41 -55.00
N LYS I 27 27.70 33.27 -53.75
CA LYS I 27 27.43 32.06 -52.99
C LYS I 27 26.15 32.19 -52.18
N ILE I 28 25.19 31.30 -52.45
CA ILE I 28 23.91 31.29 -51.73
C ILE I 28 23.75 30.00 -50.95
N GLY I 29 23.75 30.10 -49.63
CA GLY I 29 23.63 28.94 -48.78
C GLY I 29 22.56 29.05 -47.71
N ALA I 30 22.21 27.89 -47.13
CA ALA I 30 21.22 27.83 -46.06
C ALA I 30 21.89 27.47 -44.73
N LYS I 31 21.80 28.38 -43.77
CA LYS I 31 22.40 28.16 -42.46
C LYS I 31 21.63 27.09 -41.68
N THR I 32 22.31 25.98 -41.37
CA THR I 32 21.68 24.87 -40.68
C THR I 32 22.15 24.72 -39.25
N SER I 33 21.26 24.29 -38.37
CA SER I 33 21.58 24.08 -36.97
C SER I 33 21.62 22.60 -36.60
N VAL I 34 22.43 22.27 -35.60
CA VAL I 34 22.56 20.88 -35.16
C VAL I 34 21.63 20.65 -33.97
N ILE I 35 21.03 19.45 -33.91
CA ILE I 35 20.13 19.10 -32.82
C ILE I 35 20.80 18.18 -31.81
N LYS I 36 20.79 18.58 -30.55
CA LYS I 36 21.38 17.78 -29.49
C LYS I 36 20.30 17.12 -28.64
N ASP I 37 20.72 16.30 -27.67
CA ASP I 37 19.79 15.61 -26.79
C ASP I 37 20.42 15.18 -25.47
N HIS I 38 19.58 15.06 -24.45
CA HIS I 38 20.03 14.59 -23.15
C HIS I 38 18.87 13.94 -22.40
N ASN I 39 19.12 12.76 -21.83
CA ASN I 39 18.12 12.00 -21.09
C ASN I 39 16.84 11.77 -21.88
N GLY I 40 16.98 11.56 -23.19
CA GLY I 40 15.84 11.31 -24.05
C GLY I 40 15.07 12.55 -24.46
N LYS I 41 15.52 13.71 -23.99
CA LYS I 41 14.86 14.97 -24.34
C LYS I 41 15.74 15.80 -25.26
N LEU I 42 15.16 16.28 -26.36
CA LEU I 42 15.89 17.05 -27.35
C LEU I 42 16.22 18.46 -26.87
N PHE I 43 17.47 18.85 -27.04
CA PHE I 43 17.93 20.20 -26.66
C PHE I 43 18.70 20.85 -27.80
N THR I 44 18.73 22.18 -27.81
CA THR I 44 19.55 22.91 -28.76
C THR I 44 21.01 22.88 -28.29
N GLY I 45 21.88 23.50 -29.06
CA GLY I 45 23.29 23.56 -28.70
C GLY I 45 23.48 24.39 -27.44
N LYS I 46 22.91 25.60 -27.45
CA LYS I 46 23.03 26.52 -26.33
C LYS I 46 22.41 25.92 -25.07
N GLU I 47 21.26 25.27 -25.23
CA GLU I 47 20.56 24.65 -24.10
C GLU I 47 21.41 23.55 -23.46
N LEU I 48 21.92 22.64 -24.27
CA LEU I 48 22.73 21.54 -23.76
C LEU I 48 24.03 22.03 -23.13
N LYS I 49 24.65 23.04 -23.75
CA LYS I 49 25.91 23.55 -23.26
C LYS I 49 25.78 24.36 -21.97
N ASP I 50 24.71 25.14 -21.87
CA ASP I 50 24.53 26.05 -20.73
C ASP I 50 23.79 25.43 -19.54
N ALA I 51 22.83 24.54 -19.82
CA ALA I 51 22.01 24.00 -18.75
C ALA I 51 22.69 22.80 -18.09
N ASN I 52 23.36 21.97 -18.89
CA ASN I 52 24.01 20.78 -18.37
C ASN I 52 25.52 20.95 -18.37
N ASN I 53 26.14 20.57 -17.26
CA ASN I 53 27.58 20.71 -17.09
C ASN I 53 28.25 19.36 -16.89
N ASN I 54 27.53 18.45 -16.25
CA ASN I 54 28.09 17.17 -15.85
C ASN I 54 28.13 16.19 -17.00
N GLY I 55 29.29 15.56 -17.20
CA GLY I 55 29.47 14.50 -18.17
C GLY I 55 29.24 14.85 -19.63
N VAL I 56 29.03 16.13 -19.93
CA VAL I 56 28.73 16.53 -21.31
C VAL I 56 29.79 17.50 -21.86
N THR I 57 30.21 17.24 -23.09
CA THR I 57 31.19 18.09 -23.77
C THR I 57 30.62 18.69 -25.06
N VAL I 58 30.28 19.97 -25.01
CA VAL I 58 29.75 20.66 -26.18
C VAL I 58 30.76 21.65 -26.74
N THR I 59 31.00 21.60 -28.05
CA THR I 59 31.95 22.48 -28.70
C THR I 59 31.46 23.92 -28.75
N GLU I 60 32.37 24.85 -29.02
CA GLU I 60 32.04 26.27 -29.06
C GLU I 60 31.14 26.60 -30.24
N THR I 61 31.36 25.92 -31.37
CA THR I 61 30.54 26.15 -32.55
C THR I 61 29.12 25.67 -32.31
N ASP I 62 29.00 24.55 -31.59
CA ASP I 62 27.69 24.04 -31.22
C ASP I 62 27.15 24.79 -30.01
N GLY I 63 28.08 25.39 -29.25
CA GLY I 63 27.72 26.16 -28.07
C GLY I 63 26.98 27.44 -28.38
N LYS I 64 27.27 28.03 -29.54
CA LYS I 64 26.65 29.28 -29.94
C LYS I 64 25.37 29.04 -30.73
N ASP I 65 25.11 27.77 -31.05
CA ASP I 65 23.91 27.40 -31.80
C ASP I 65 22.68 27.61 -30.94
N GLU I 66 21.77 28.47 -31.41
CA GLU I 66 20.55 28.77 -30.68
C GLU I 66 19.37 28.05 -31.33
N GLY I 67 19.67 27.21 -32.31
CA GLY I 67 18.67 26.40 -32.97
C GLY I 67 17.69 27.23 -33.78
N ASN I 68 18.18 28.29 -34.40
CA ASN I 68 17.36 29.16 -35.23
C ASN I 68 17.51 28.83 -36.72
N GLY I 69 18.52 28.03 -37.04
CA GLY I 69 18.78 27.66 -38.42
C GLY I 69 17.96 26.46 -38.86
N LEU I 70 18.14 26.08 -40.12
CA LEU I 70 17.40 24.95 -40.68
C LEU I 70 17.98 23.61 -40.20
N VAL I 71 17.34 22.52 -40.58
CA VAL I 71 17.78 21.19 -40.17
C VAL I 71 17.75 20.20 -41.33
N THR I 72 18.69 19.27 -41.33
CA THR I 72 18.73 18.23 -42.36
C THR I 72 17.88 17.03 -41.95
N ALA I 73 17.71 16.09 -42.86
CA ALA I 73 16.92 14.89 -42.58
C ALA I 73 17.62 13.98 -41.59
N LYS I 74 18.91 13.74 -41.81
CA LYS I 74 19.70 12.85 -40.97
C LYS I 74 19.76 13.35 -39.54
N ALA I 75 19.88 14.66 -39.37
CA ALA I 75 19.95 15.27 -38.05
C ALA I 75 18.67 15.01 -37.27
N VAL I 76 17.53 15.25 -37.90
CA VAL I 76 16.23 15.02 -37.28
C VAL I 76 16.04 13.55 -36.94
N ILE I 77 16.35 12.68 -37.91
CA ILE I 77 16.22 11.23 -37.73
C ILE I 77 17.05 10.74 -36.54
N ASP I 78 18.32 11.12 -36.51
CA ASP I 78 19.22 10.74 -35.43
C ASP I 78 18.77 11.32 -34.10
N ALA I 79 18.19 12.52 -34.15
CA ALA I 79 17.71 13.19 -32.95
C ALA I 79 16.55 12.42 -32.33
N VAL I 80 15.61 12.01 -33.18
CA VAL I 80 14.45 11.26 -32.73
C VAL I 80 14.87 9.87 -32.23
N ASN I 81 15.79 9.25 -32.97
CA ASN I 81 16.26 7.91 -32.63
C ASN I 81 17.07 7.88 -31.33
N LYS I 82 17.49 9.04 -30.85
CA LYS I 82 18.15 9.14 -29.56
C LYS I 82 17.25 9.80 -28.53
N ALA I 83 15.97 9.96 -28.86
CA ALA I 83 15.02 10.58 -27.97
C ALA I 83 13.92 9.61 -27.57
N GLY I 84 13.40 9.77 -26.37
CA GLY I 84 12.35 8.91 -25.87
C GLY I 84 12.04 9.13 -24.40
N TRP I 85 11.45 8.13 -23.77
CA TRP I 85 11.03 8.26 -22.37
C TRP I 85 11.85 7.35 -21.46
N ARG I 86 12.15 7.83 -20.25
CA ARG I 86 13.01 7.11 -19.32
C ARG I 86 12.24 6.25 -18.34
N VAL I 87 12.77 5.07 -18.04
CA VAL I 87 12.13 4.13 -17.11
C VAL I 87 13.02 3.81 -15.92
N LYS I 88 12.41 3.67 -14.75
CA LYS I 88 13.11 3.31 -13.52
C LYS I 88 13.52 1.85 -13.51
N THR I 89 14.83 1.59 -13.41
CA THR I 89 15.33 0.22 -13.37
C THR I 89 15.47 -0.24 -11.93
N THR I 90 14.96 -1.44 -11.64
CA THR I 90 14.97 -1.97 -10.28
C THR I 90 16.14 -2.93 -10.05
N GLY I 91 17.26 -2.39 -9.57
CA GLY I 91 18.43 -3.20 -9.28
C GLY I 91 19.10 -2.77 -8.00
N ASN I 96 16.00 1.28 -6.10
CA ASN I 96 16.28 2.40 -6.98
C ASN I 96 17.67 2.33 -7.59
N ASP I 97 17.78 1.66 -8.73
CA ASP I 97 19.06 1.55 -9.40
C ASP I 97 19.26 2.81 -10.24
N ASP I 98 19.24 2.66 -11.56
CA ASP I 98 19.41 3.81 -12.44
C ASP I 98 18.16 3.99 -13.31
N PHE I 99 18.27 4.90 -14.28
CA PHE I 99 17.21 5.12 -15.26
C PHE I 99 17.68 4.62 -16.62
N ALA I 100 16.75 4.17 -17.44
CA ALA I 100 17.08 3.70 -18.77
C ALA I 100 16.27 4.43 -19.84
N THR I 101 16.96 4.94 -20.85
CA THR I 101 16.30 5.69 -21.91
C THR I 101 15.69 4.76 -22.95
N VAL I 102 14.37 4.84 -23.09
CA VAL I 102 13.67 4.09 -24.13
C VAL I 102 13.39 4.99 -25.32
N ALA I 103 14.16 4.77 -26.39
CA ALA I 103 14.04 5.56 -27.60
C ALA I 103 13.06 4.93 -28.58
N SER I 104 12.96 5.50 -29.77
CA SER I 104 12.05 5.00 -30.79
C SER I 104 12.58 3.71 -31.39
N GLY I 105 11.72 2.69 -31.48
CA GLY I 105 12.09 1.41 -32.04
C GLY I 105 12.50 0.41 -30.98
N THR I 106 12.61 0.86 -29.74
CA THR I 106 13.00 -0.01 -28.64
C THR I 106 11.84 -0.88 -28.18
N ASN I 107 12.11 -2.18 -28.06
CA ASN I 107 11.08 -3.14 -27.65
C ASN I 107 10.87 -3.17 -26.14
N VAL I 108 9.62 -2.97 -25.72
CA VAL I 108 9.27 -3.07 -24.31
C VAL I 108 8.30 -4.23 -24.08
N THR I 109 8.77 -5.29 -23.45
CA THR I 109 7.97 -6.47 -23.23
C THR I 109 7.44 -6.55 -21.79
N PHE I 110 6.11 -6.49 -21.65
CA PHE I 110 5.48 -6.66 -20.35
C PHE I 110 5.26 -8.14 -20.04
N ALA I 111 6.24 -8.74 -19.37
CA ALA I 111 6.16 -10.17 -19.05
C ALA I 111 5.58 -10.42 -17.66
N ASP I 112 5.16 -11.66 -17.43
CA ASP I 112 4.61 -12.06 -16.14
C ASP I 112 5.66 -12.77 -15.29
N GLY I 113 5.44 -12.79 -13.97
CA GLY I 113 6.38 -13.39 -13.05
C GLY I 113 5.75 -14.44 -12.17
N ASN I 114 5.95 -14.31 -10.86
CA ASN I 114 5.43 -15.28 -9.90
C ASN I 114 3.95 -15.10 -9.62
N GLY I 115 3.15 -16.07 -10.05
CA GLY I 115 1.72 -16.06 -9.80
C GLY I 115 0.97 -14.95 -10.52
N THR I 116 1.56 -14.42 -11.58
CA THR I 116 0.94 -13.35 -12.34
C THR I 116 0.74 -13.73 -13.80
N THR I 117 -0.20 -13.07 -14.47
CA THR I 117 -0.49 -13.35 -15.87
C THR I 117 -0.62 -12.05 -16.68
N ALA I 118 0.34 -11.80 -17.54
CA ALA I 118 0.36 -10.58 -18.34
C ALA I 118 -0.65 -10.66 -19.49
N GLU I 119 -1.41 -9.58 -19.68
CA GLU I 119 -2.38 -9.52 -20.76
C GLU I 119 -2.38 -8.16 -21.44
N VAL I 120 -1.71 -8.07 -22.59
CA VAL I 120 -1.65 -6.83 -23.36
C VAL I 120 -2.45 -6.94 -24.66
N THR I 121 -3.45 -6.08 -24.82
CA THR I 121 -4.29 -6.12 -26.01
C THR I 121 -4.22 -4.82 -26.80
N LYS I 122 -4.36 -4.94 -28.12
CA LYS I 122 -4.33 -3.78 -29.00
C LYS I 122 -5.64 -3.64 -29.79
N ALA I 123 -6.32 -2.53 -29.62
CA ALA I 123 -7.57 -2.28 -30.32
C ALA I 123 -7.32 -1.91 -31.78
N ASN I 124 -8.39 -1.82 -32.56
CA ASN I 124 -8.29 -1.39 -33.95
C ASN I 124 -7.96 0.08 -34.06
N ASP I 125 -8.26 0.83 -32.99
CA ASP I 125 -7.96 2.25 -32.94
C ASP I 125 -6.48 2.46 -32.63
N GLY I 126 -5.80 1.38 -32.27
CA GLY I 126 -4.38 1.45 -31.93
C GLY I 126 -4.15 1.61 -30.44
N SER I 127 -5.22 1.85 -29.70
CA SER I 127 -5.13 2.04 -28.25
C SER I 127 -4.69 0.77 -27.55
N ILE I 128 -3.68 0.90 -26.69
CA ILE I 128 -3.12 -0.25 -25.98
C ILE I 128 -3.73 -0.41 -24.58
N THR I 129 -4.19 -1.61 -24.28
CA THR I 129 -4.73 -1.91 -22.95
C THR I 129 -3.90 -2.99 -22.25
N VAL I 130 -3.24 -2.62 -21.17
CA VAL I 130 -2.42 -3.56 -20.40
C VAL I 130 -3.07 -3.93 -19.08
N LYS I 131 -3.24 -5.24 -18.84
CA LYS I 131 -3.88 -5.72 -17.64
C LYS I 131 -3.09 -6.89 -17.03
N TYR I 132 -2.92 -6.86 -15.72
CA TYR I 132 -2.21 -7.90 -15.00
C TYR I 132 -3.20 -8.80 -14.24
N ASN I 133 -3.00 -10.11 -14.28
CA ASN I 133 -3.94 -11.03 -13.60
C ASN I 133 -3.29 -11.89 -12.50
N VAL I 134 -4.14 -12.41 -11.62
CA VAL I 134 -3.70 -13.30 -10.53
C VAL I 134 -4.26 -14.72 -10.69
N LYS I 135 -3.46 -15.71 -10.31
CA LYS I 135 -3.88 -17.12 -10.43
C LYS I 135 -4.21 -17.74 -9.08
N VAL I 136 -5.49 -18.01 -8.86
CA VAL I 136 -5.95 -18.61 -7.61
C VAL I 136 -6.74 -19.88 -7.89
N ALA I 137 -6.07 -21.03 -7.81
CA ALA I 137 -6.70 -22.32 -8.06
C ALA I 137 -7.15 -23.01 -6.78
N ASP I 138 -7.81 -24.15 -6.94
CA ASP I 138 -8.25 -24.99 -5.81
C ASP I 138 -9.04 -24.21 -4.77
#